data_4K2G
#
_entry.id   4K2G
#
_cell.length_a   120.335
_cell.length_b   165.508
_cell.length_c   93.988
_cell.angle_alpha   90.00
_cell.angle_beta   90.00
_cell.angle_gamma   90.00
#
_symmetry.space_group_name_H-M   'C 2 2 21'
#
loop_
_entity.id
_entity.type
_entity.pdbx_description
1 polymer 'Acyl-homoserine lactone acylase PvdQ'
2 polymer 'Acyl-homoserine lactone acylase PvdQ'
3 non-polymer 1,2-ETHANEDIOL
4 non-polymer (2S)-(4-fluorophenyl)[6-(trifluoromethyl)pyridin-2-yl]ethanenitrile
5 water water
#
loop_
_entity_poly.entity_id
_entity_poly.type
_entity_poly.pdbx_seq_one_letter_code
_entity_poly.pdbx_strand_id
1 'polypeptide(L)'
;DMPRPTGLAADIRWTAYGVPHIRAKDERGLGYGIGYAYARDNACLLAEEIVTARGERARYFGSEGKSSAELDNLPSDIFY
AWLNQPEALQAFWQAQTPAVRQLLEGYAAGFNRFLREADGKTTSCLGQPWLRAIATDDLLRLTRRLLVEGGVGQFADALV
AAAPPGAEKV
;
A
2 'polypeptide(L)'
;SNAIAVGSERSADGKGMLLANPHFPWNGAMRFYQMHLTIPGRLDVMGASLPGLPVVNIGFSRHLAWTHTVDTSSHFTLYR
LALDPKDPRRYLVDGRSLPLEEKSVAIEVRGADGKLSRVEHKVYQSIYGPLVVWPGKLDWNRSEAYALRDANLENTRVLQ
QWYSINQASDVADLRRRVEALQGIPWVNTLAADEQGNALYMNQSVVPYLKPELIPACAIPQLVAEGLPALQGQDSRCAWS
RDPAAAQAGITPAAQLPVLLRRDFVQNSNDSAWLTNPASPLQGFSPLVSQEKPIGPRARYALSRLQGKQPLEAKTLEEMV
TANHVFSADQVLPDLLRLCRDNQGEKSLARACAALAQWDRGANLDSGSGFVYFQRFMQRFAELDGAWKEPFDAQRPLDTP
QGIALDRPQVATQVRQALADAAAEVEKSGIPDGARWGDLQVSTRGQERIAIPGGDGHFGVYNAIQSVRKGDHLEVVGGTS
YIQLVTFPEEGPKARGLLAFSQSSDPRSPHYRDQTELFSRQQWQTLPFSDRQIDADPQLQRLSIRE
;
B
#
loop_
_chem_comp.id
_chem_comp.type
_chem_comp.name
_chem_comp.formula
1OQ non-polymer (2S)-(4-fluorophenyl)[6-(trifluoromethyl)pyridin-2-yl]ethanenitrile 'C14 H8 F4 N2'
EDO non-polymer 1,2-ETHANEDIOL 'C2 H6 O2'
#
# COMPACT_ATOMS: atom_id res chain seq x y z
N THR A 6 -29.92 8.15 16.58
CA THR A 6 -31.21 7.39 16.77
C THR A 6 -31.65 6.61 15.48
N GLY A 7 -32.39 5.50 15.67
CA GLY A 7 -32.62 4.54 14.57
C GLY A 7 -31.30 3.90 14.08
N LEU A 8 -30.43 3.53 15.02
CA LEU A 8 -29.16 2.87 14.80
C LEU A 8 -29.23 1.51 15.51
N ALA A 9 -29.07 0.45 14.75
CA ALA A 9 -29.12 -0.89 15.30
C ALA A 9 -28.31 -1.86 14.45
N ALA A 10 -27.71 -2.88 15.05
CA ALA A 10 -26.87 -3.79 14.31
C ALA A 10 -26.86 -5.09 15.01
N ASP A 11 -26.69 -6.16 14.26
CA ASP A 11 -26.53 -7.41 14.85
C ASP A 11 -25.11 -7.89 14.45
N ILE A 12 -24.26 -8.17 15.44
CA ILE A 12 -22.85 -8.50 15.21
C ILE A 12 -22.58 -9.92 15.66
N ARG A 13 -22.15 -10.77 14.75
CA ARG A 13 -21.56 -12.05 15.13
C ARG A 13 -20.02 -12.03 14.93
N TRP A 14 -19.28 -12.64 15.85
CA TRP A 14 -17.81 -12.80 15.74
C TRP A 14 -17.49 -14.29 15.63
N THR A 15 -16.72 -14.66 14.61
CA THR A 15 -16.31 -16.04 14.42
C THR A 15 -14.85 -16.09 14.93
N ALA A 16 -14.16 -17.21 14.76
CA ALA A 16 -12.79 -17.40 15.26
C ALA A 16 -11.90 -16.24 14.88
N TYR A 17 -11.12 -15.75 15.84
CA TYR A 17 -10.06 -14.71 15.67
C TYR A 17 -10.63 -13.31 15.69
N GLY A 18 -11.84 -13.17 16.26
CA GLY A 18 -12.41 -11.85 16.47
C GLY A 18 -12.83 -11.21 15.17
N VAL A 19 -13.17 -12.02 14.15
CA VAL A 19 -13.73 -11.51 12.88
C VAL A 19 -15.22 -11.15 13.03
N PRO A 20 -15.58 -9.87 12.84
CA PRO A 20 -16.99 -9.50 12.98
C PRO A 20 -17.79 -9.65 11.68
N HIS A 21 -19.07 -9.98 11.87
CA HIS A 21 -20.07 -10.16 10.82
C HIS A 21 -21.23 -9.27 11.16
N ILE A 22 -21.29 -8.10 10.54
CA ILE A 22 -22.30 -7.12 10.90
C ILE A 22 -23.51 -7.25 10.01
N ARG A 23 -24.71 -7.34 10.60
CA ARG A 23 -25.94 -7.31 9.79
C ARG A 23 -26.80 -6.16 10.27
N ALA A 24 -27.37 -5.38 9.35
CA ALA A 24 -28.23 -4.24 9.73
C ALA A 24 -29.26 -4.02 8.64
N LYS A 25 -30.25 -3.18 8.85
CA LYS A 25 -31.28 -3.06 7.81
C LYS A 25 -30.97 -1.91 6.86
N ASP A 26 -29.96 -1.11 7.21
CA ASP A 26 -29.60 0.06 6.41
C ASP A 26 -28.13 0.48 6.69
N GLU A 27 -27.66 1.51 5.97
CA GLU A 27 -26.27 1.94 6.01
C GLU A 27 -25.91 2.50 7.40
N ARG A 28 -26.88 3.17 8.00
CA ARG A 28 -26.61 3.72 9.30
C ARG A 28 -26.39 2.60 10.33
N GLY A 29 -27.30 1.63 10.41
CA GLY A 29 -27.04 0.50 11.32
C GLY A 29 -25.73 -0.27 11.02
N LEU A 30 -25.41 -0.38 9.73
CA LEU A 30 -24.28 -1.18 9.30
C LEU A 30 -23.02 -0.48 9.85
N GLY A 31 -22.98 0.84 9.72
CA GLY A 31 -21.80 1.65 10.11
C GLY A 31 -21.71 1.56 11.61
N TYR A 32 -22.87 1.62 12.26
CA TYR A 32 -22.95 1.46 13.72
C TYR A 32 -22.28 0.20 14.22
N GLY A 33 -22.62 -0.93 13.62
CA GLY A 33 -21.96 -2.18 13.96
C GLY A 33 -20.48 -2.22 13.60
N ILE A 34 -20.09 -1.71 12.42
CA ILE A 34 -18.66 -1.62 12.04
C ILE A 34 -17.84 -0.83 13.09
N GLY A 35 -18.26 0.38 13.42
CA GLY A 35 -17.47 1.25 14.28
C GLY A 35 -17.37 0.67 15.66
N TYR A 36 -18.40 -0.04 16.09
CA TYR A 36 -18.42 -0.61 17.40
C TYR A 36 -17.50 -1.82 17.40
N ALA A 37 -17.68 -2.70 16.43
CA ALA A 37 -16.75 -3.84 16.37
C ALA A 37 -15.29 -3.38 16.25
N TYR A 38 -15.02 -2.40 15.41
CA TYR A 38 -13.67 -1.94 15.21
C TYR A 38 -13.08 -1.28 16.47
N ALA A 39 -13.87 -0.48 17.17
CA ALA A 39 -13.35 0.16 18.39
C ALA A 39 -12.95 -0.93 19.38
N ARG A 40 -13.70 -2.02 19.40
CA ARG A 40 -13.44 -3.03 20.39
C ARG A 40 -12.02 -3.53 20.22
N ASP A 41 -11.55 -3.58 18.98
CA ASP A 41 -10.28 -4.19 18.66
C ASP A 41 -9.17 -3.11 18.52
N ASN A 42 -9.55 -1.87 18.18
CA ASN A 42 -8.57 -0.86 17.69
C ASN A 42 -8.92 0.56 18.00
N ALA A 43 -9.68 0.78 19.07
CA ALA A 43 -9.96 2.15 19.51
C ALA A 43 -8.75 3.04 19.58
N CYS A 44 -7.70 2.61 20.28
CA CYS A 44 -6.50 3.44 20.43
C CYS A 44 -5.76 3.75 19.11
N LEU A 45 -5.55 2.73 18.26
CA LEU A 45 -5.03 2.98 16.91
C LEU A 45 -5.86 4.12 16.23
N LEU A 46 -7.18 4.02 16.27
CA LEU A 46 -7.96 4.93 15.52
C LEU A 46 -7.82 6.33 16.07
N ALA A 47 -7.80 6.42 17.42
CA ALA A 47 -7.68 7.71 18.12
C ALA A 47 -6.33 8.32 17.74
N GLU A 48 -5.27 7.52 17.78
CA GLU A 48 -3.94 8.02 17.37
C GLU A 48 -3.93 8.60 15.95
N GLU A 49 -4.53 7.87 14.98
CA GLU A 49 -4.56 8.26 13.56
C GLU A 49 -5.49 9.44 13.32
N ILE A 50 -6.48 9.61 14.16
CA ILE A 50 -7.33 10.75 14.04
C ILE A 50 -6.58 11.97 14.54
N VAL A 51 -5.96 11.87 15.70
CA VAL A 51 -5.03 12.91 16.14
C VAL A 51 -4.07 13.37 15.05
N THR A 52 -3.41 12.43 14.39
CA THR A 52 -2.47 12.77 13.32
C THR A 52 -3.23 13.51 12.24
N ALA A 53 -4.40 12.99 11.87
CA ALA A 53 -5.14 13.54 10.71
C ALA A 53 -5.81 14.86 10.97
N ARG A 54 -5.88 15.21 12.25
CA ARG A 54 -6.34 16.50 12.74
C ARG A 54 -5.18 17.51 12.95
N GLY A 55 -3.91 17.07 12.78
CA GLY A 55 -2.81 17.92 13.02
C GLY A 55 -2.69 18.34 14.49
N GLU A 56 -2.88 17.38 15.40
CA GLU A 56 -2.88 17.59 16.84
C GLU A 56 -1.82 16.76 17.50
N ARG A 57 -0.85 16.21 16.74
CA ARG A 57 0.15 15.41 17.40
C ARG A 57 0.91 16.24 18.43
N ALA A 58 1.29 17.46 18.04
CA ALA A 58 2.23 18.20 18.88
C ALA A 58 1.46 18.66 20.10
N ARG A 59 0.15 18.87 19.97
CA ARG A 59 -0.70 19.21 21.12
C ARG A 59 -0.62 18.14 22.23
N TYR A 60 -0.76 16.87 21.88
CA TYR A 60 -0.82 15.86 22.91
C TYR A 60 0.53 15.29 23.26
N PHE A 61 1.47 15.25 22.29
CA PHE A 61 2.73 14.48 22.46
C PHE A 61 4.00 15.32 22.37
N GLY A 62 3.83 16.61 22.09
CA GLY A 62 4.96 17.49 21.84
C GLY A 62 5.70 17.23 20.54
N SER A 63 6.73 18.04 20.31
CA SER A 63 7.38 18.12 19.01
C SER A 63 8.40 17.04 18.84
N GLU A 64 8.69 16.28 19.89
CA GLU A 64 9.82 15.34 19.88
C GLU A 64 9.50 13.99 19.22
N GLY A 65 8.25 13.56 19.22
CA GLY A 65 7.86 12.30 18.57
C GLY A 65 7.39 12.36 17.12
N LYS A 66 6.97 11.19 16.64
CA LYS A 66 6.58 10.97 15.24
C LYS A 66 5.19 10.35 15.19
N SER A 67 4.56 10.51 14.03
CA SER A 67 3.34 9.84 13.75
C SER A 67 3.70 8.40 13.41
N SER A 68 2.70 7.58 13.18
CA SER A 68 2.95 6.22 12.71
C SER A 68 3.47 6.18 11.30
N ALA A 69 3.31 7.26 10.56
CA ALA A 69 3.96 7.22 9.23
C ALA A 69 5.42 7.74 9.35
N GLU A 70 5.92 7.90 10.59
CA GLU A 70 7.30 8.38 10.79
C GLU A 70 7.57 9.85 10.38
N LEU A 71 6.54 10.70 10.32
CA LEU A 71 6.80 12.13 10.20
C LEU A 71 6.98 12.75 11.59
N ASP A 72 7.87 13.72 11.76
CA ASP A 72 7.88 14.50 12.99
C ASP A 72 6.49 15.06 13.26
N ASN A 73 6.10 15.11 14.53
CA ASN A 73 4.78 15.61 14.85
C ASN A 73 4.42 17.00 14.32
N LEU A 74 5.34 17.96 14.40
CA LEU A 74 4.91 19.32 14.01
C LEU A 74 4.80 19.49 12.47
N PRO A 75 5.82 19.09 11.71
CA PRO A 75 5.62 19.06 10.27
C PRO A 75 4.44 18.20 9.90
N SER A 76 4.24 17.05 10.55
CA SER A 76 3.04 16.26 10.21
C SER A 76 1.72 17.09 10.47
N ASP A 77 1.65 17.76 11.65
CA ASP A 77 0.49 18.57 12.01
C ASP A 77 0.28 19.70 11.03
N ILE A 78 1.37 20.29 10.56
CA ILE A 78 1.20 21.45 9.71
C ILE A 78 0.61 20.91 8.41
N PHE A 79 1.12 19.77 7.96
CA PHE A 79 0.64 19.19 6.72
C PHE A 79 -0.84 18.82 6.83
N TYR A 80 -1.25 18.23 7.94
CA TYR A 80 -2.67 17.77 8.02
C TYR A 80 -3.61 18.89 8.27
N ALA A 81 -3.15 19.92 8.98
CA ALA A 81 -4.00 21.10 9.15
C ALA A 81 -4.20 21.73 7.79
N TRP A 82 -3.16 21.71 6.96
CA TRP A 82 -3.29 22.35 5.68
C TRP A 82 -4.27 21.52 4.89
N LEU A 83 -4.11 20.19 4.98
CA LEU A 83 -4.88 19.28 4.12
C LEU A 83 -6.35 19.27 4.50
N ASN A 84 -6.63 19.27 5.81
CA ASN A 84 -7.98 19.01 6.35
C ASN A 84 -8.60 20.28 6.97
N GLN A 85 -8.38 21.39 6.27
CA GLN A 85 -9.03 22.68 6.50
C GLN A 85 -10.53 22.54 6.47
N PRO A 86 -11.22 23.33 7.31
CA PRO A 86 -12.72 23.24 7.41
C PRO A 86 -13.45 23.24 6.04
N GLU A 87 -12.99 24.10 5.13
CA GLU A 87 -13.63 24.23 3.83
C GLU A 87 -13.37 23.00 2.96
N ALA A 88 -12.24 22.36 3.12
CA ALA A 88 -12.03 21.14 2.37
C ALA A 88 -12.95 19.98 2.89
N LEU A 89 -13.12 19.89 4.22
CA LEU A 89 -13.96 18.87 4.87
C LEU A 89 -15.39 19.09 4.47
N GLN A 90 -15.79 20.36 4.36
CA GLN A 90 -17.22 20.65 4.08
C GLN A 90 -17.50 20.30 2.62
N ALA A 91 -16.66 20.77 1.72
CA ALA A 91 -16.90 20.46 0.34
C ALA A 91 -16.93 18.96 0.19
N PHE A 92 -16.03 18.28 0.89
CA PHE A 92 -15.93 16.82 0.77
C PHE A 92 -17.23 16.12 1.23
N TRP A 93 -17.73 16.51 2.41
CA TRP A 93 -19.01 16.00 2.98
C TRP A 93 -20.19 16.27 2.03
N GLN A 94 -20.28 17.52 1.57
CA GLN A 94 -21.32 17.85 0.63
C GLN A 94 -21.31 17.02 -0.66
N ALA A 95 -20.19 16.44 -1.06
CA ALA A 95 -20.18 15.56 -2.24
C ALA A 95 -20.46 14.07 -1.92
N GLN A 96 -20.71 13.73 -0.68
CA GLN A 96 -20.92 12.36 -0.33
C GLN A 96 -22.38 12.08 -0.65
N THR A 97 -22.68 10.89 -1.17
CA THR A 97 -24.06 10.42 -1.32
C THR A 97 -24.71 10.16 0.06
N PRO A 98 -26.07 10.23 0.14
CA PRO A 98 -26.78 9.83 1.36
C PRO A 98 -26.27 8.50 1.99
N ALA A 99 -26.08 7.44 1.19
CA ALA A 99 -25.69 6.14 1.73
C ALA A 99 -24.32 6.25 2.40
N VAL A 100 -23.40 6.98 1.79
CA VAL A 100 -22.06 7.03 2.38
C VAL A 100 -22.12 7.86 3.67
N ARG A 101 -22.87 8.94 3.60
CA ARG A 101 -23.07 9.72 4.80
C ARG A 101 -23.57 8.95 5.99
N GLN A 102 -24.60 8.11 5.74
CA GLN A 102 -25.20 7.25 6.75
C GLN A 102 -24.20 6.25 7.26
N LEU A 103 -23.39 5.67 6.35
CA LEU A 103 -22.31 4.76 6.74
C LEU A 103 -21.46 5.44 7.77
N LEU A 104 -21.18 6.71 7.52
CA LEU A 104 -20.15 7.39 8.30
C LEU A 104 -20.75 7.81 9.63
N GLU A 105 -21.98 8.28 9.60
CA GLU A 105 -22.58 8.72 10.87
C GLU A 105 -22.75 7.53 11.74
N GLY A 106 -23.10 6.40 11.14
CA GLY A 106 -23.27 5.15 11.90
C GLY A 106 -21.96 4.71 12.60
N TYR A 107 -20.85 4.74 11.81
CA TYR A 107 -19.52 4.40 12.30
C TYR A 107 -19.18 5.28 13.52
N ALA A 108 -19.20 6.60 13.32
CA ALA A 108 -18.88 7.51 14.41
C ALA A 108 -19.73 7.12 15.63
N ALA A 109 -21.04 6.95 15.44
CA ALA A 109 -21.93 6.65 16.62
C ALA A 109 -21.54 5.33 17.34
N GLY A 110 -21.17 4.33 16.58
CA GLY A 110 -20.92 3.04 17.18
C GLY A 110 -19.53 3.02 17.83
N PHE A 111 -18.58 3.67 17.17
CA PHE A 111 -17.26 3.85 17.78
C PHE A 111 -17.45 4.54 19.18
N ASN A 112 -18.13 5.65 19.16
CA ASN A 112 -18.46 6.36 20.39
C ASN A 112 -19.20 5.52 21.45
N ARG A 113 -20.10 4.69 20.98
CA ARG A 113 -20.82 3.88 21.94
C ARG A 113 -19.78 2.99 22.66
N PHE A 114 -18.86 2.37 21.93
CA PHE A 114 -17.89 1.48 22.59
C PHE A 114 -17.03 2.23 23.60
N LEU A 115 -16.63 3.46 23.22
CA LEU A 115 -15.81 4.29 24.11
C LEU A 115 -16.58 4.54 25.39
N ARG A 116 -17.90 4.77 25.27
CA ARG A 116 -18.72 5.06 26.45
C ARG A 116 -18.71 3.89 27.40
N GLU A 117 -18.63 2.67 26.88
CA GLU A 117 -18.73 1.52 27.74
C GLU A 117 -17.38 0.93 28.13
N ALA A 118 -16.31 1.24 27.42
CA ALA A 118 -15.03 0.64 27.68
C ALA A 118 -14.52 0.69 29.17
N ASP A 119 -14.07 -0.46 29.67
CA ASP A 119 -13.44 -0.57 31.00
C ASP A 119 -11.99 -1.05 30.93
N GLY A 120 -11.42 -1.17 29.73
CA GLY A 120 -9.98 -1.48 29.57
C GLY A 120 -9.72 -2.92 29.17
N LYS A 121 -10.76 -3.72 29.20
CA LYS A 121 -10.69 -5.12 28.87
C LYS A 121 -9.87 -5.26 27.56
N THR A 122 -10.14 -4.43 26.55
CA THR A 122 -9.37 -4.49 25.29
C THR A 122 -8.85 -3.14 24.83
N THR A 123 -8.78 -2.14 25.71
CA THR A 123 -8.37 -0.82 25.31
C THR A 123 -7.25 -0.39 26.28
N SER A 124 -6.00 -0.30 25.81
CA SER A 124 -4.85 0.04 26.66
C SER A 124 -4.65 1.53 26.93
N CYS A 125 -5.33 2.39 26.20
CA CYS A 125 -5.04 3.79 26.31
C CYS A 125 -6.15 4.46 27.07
N LEU A 126 -7.01 3.63 27.63
CA LEU A 126 -8.08 4.14 28.50
C LEU A 126 -7.58 5.23 29.44
N GLY A 127 -8.37 6.30 29.55
CA GLY A 127 -7.99 7.47 30.30
C GLY A 127 -7.09 8.54 29.65
N GLN A 128 -6.31 8.17 28.64
CA GLN A 128 -5.52 9.18 27.94
C GLN A 128 -6.43 10.29 27.45
N PRO A 129 -5.96 11.56 27.46
CA PRO A 129 -6.84 12.66 26.98
C PRO A 129 -7.13 12.61 25.48
N TRP A 130 -6.34 11.87 24.70
CA TRP A 130 -6.59 11.90 23.28
C TRP A 130 -7.56 10.79 22.82
N LEU A 131 -7.88 9.86 23.73
CA LEU A 131 -8.90 8.89 23.43
C LEU A 131 -10.25 9.58 23.59
N ARG A 132 -10.80 10.11 22.48
CA ARG A 132 -12.01 10.94 22.55
C ARG A 132 -13.12 10.51 21.59
N ALA A 133 -14.34 11.01 21.80
CA ALA A 133 -15.48 10.67 20.97
C ALA A 133 -15.11 11.15 19.58
N ILE A 134 -15.54 10.46 18.55
CA ILE A 134 -15.19 10.96 17.24
C ILE A 134 -16.37 11.52 16.45
N ALA A 135 -16.10 12.06 15.29
CA ALA A 135 -17.17 12.68 14.51
C ALA A 135 -16.94 12.31 13.03
N THR A 136 -18.00 12.41 12.24
CA THR A 136 -17.86 12.22 10.81
C THR A 136 -16.75 13.00 10.20
N ASP A 137 -16.55 14.27 10.59
CA ASP A 137 -15.37 14.99 10.02
C ASP A 137 -14.06 14.20 10.21
N ASP A 138 -13.92 13.48 11.31
CA ASP A 138 -12.71 12.76 11.62
C ASP A 138 -12.47 11.68 10.60
N LEU A 139 -13.55 11.02 10.18
CA LEU A 139 -13.40 9.93 9.23
C LEU A 139 -13.10 10.53 7.88
N LEU A 140 -13.59 11.73 7.62
CA LEU A 140 -13.23 12.43 6.36
C LEU A 140 -11.76 12.84 6.40
N ARG A 141 -11.28 13.21 7.59
CA ARG A 141 -9.87 13.51 7.78
C ARG A 141 -9.07 12.27 7.47
N LEU A 142 -9.45 11.12 8.03
CA LEU A 142 -8.76 9.89 7.71
C LEU A 142 -8.81 9.58 6.22
N THR A 143 -9.98 9.75 5.61
CA THR A 143 -10.12 9.44 4.19
C THR A 143 -9.22 10.28 3.29
N ARG A 144 -9.23 11.58 3.53
CA ARG A 144 -8.41 12.48 2.76
C ARG A 144 -6.95 12.18 2.98
N ARG A 145 -6.57 11.78 4.19
CA ARG A 145 -5.17 11.41 4.48
C ARG A 145 -4.74 10.22 3.63
N LEU A 146 -5.64 9.27 3.47
CA LEU A 146 -5.35 8.12 2.66
C LEU A 146 -5.30 8.45 1.17
N LEU A 147 -6.18 9.37 0.73
CA LEU A 147 -6.26 9.74 -0.71
C LEU A 147 -4.90 10.30 -1.19
N VAL A 148 -4.22 11.07 -0.33
CA VAL A 148 -3.06 11.83 -0.76
C VAL A 148 -1.76 11.09 -0.51
N GLU A 149 -1.89 9.86 0.00
CA GLU A 149 -0.74 8.97 0.24
CA GLU A 149 -0.70 9.06 0.21
C GLU A 149 -0.09 8.61 -1.08
N GLY A 150 -0.86 8.69 -2.17
CA GLY A 150 -0.36 8.46 -3.55
C GLY A 150 0.13 9.74 -4.23
N GLY A 151 0.15 10.87 -3.54
CA GLY A 151 0.35 12.17 -4.21
C GLY A 151 1.07 13.12 -3.24
N VAL A 152 0.45 14.24 -2.92
CA VAL A 152 1.05 15.23 -2.07
C VAL A 152 1.48 14.70 -0.64
N GLY A 153 0.74 13.72 -0.08
CA GLY A 153 1.22 13.01 1.10
C GLY A 153 2.69 12.58 1.07
N GLN A 154 3.19 12.11 -0.07
CA GLN A 154 4.57 11.62 -0.15
C GLN A 154 5.54 12.81 -0.12
N PHE A 155 5.03 14.04 -0.28
CA PHE A 155 5.79 15.28 -0.18
C PHE A 155 5.42 16.12 1.05
N ALA A 156 4.82 15.54 2.07
CA ALA A 156 4.51 16.31 3.23
C ALA A 156 5.72 17.09 3.80
N ASP A 157 6.87 16.42 3.99
CA ASP A 157 8.06 17.14 4.45
C ASP A 157 8.44 18.28 3.50
N ALA A 158 8.49 17.96 2.20
CA ALA A 158 8.82 18.95 1.19
C ALA A 158 7.89 20.17 1.20
N LEU A 159 6.59 19.95 1.46
CA LEU A 159 5.65 21.06 1.52
C LEU A 159 5.97 21.99 2.69
N VAL A 160 6.18 21.39 3.88
CA VAL A 160 6.45 22.11 5.10
C VAL A 160 7.75 22.94 4.98
N ALA A 161 8.75 22.38 4.32
CA ALA A 161 10.04 23.01 4.06
C ALA A 161 10.05 24.07 2.96
N ALA A 162 8.99 24.17 2.16
CA ALA A 162 8.95 25.14 1.09
C ALA A 162 8.89 26.61 1.56
N ALA A 163 10.04 27.25 1.49
CA ALA A 163 10.18 28.65 1.84
C ALA A 163 10.93 29.45 0.77
N PRO A 164 10.52 30.71 0.58
CA PRO A 164 11.18 31.55 -0.45
C PRO A 164 12.63 31.90 -0.08
N PRO A 165 13.44 32.23 -1.10
CA PRO A 165 14.86 32.50 -0.87
C PRO A 165 15.11 33.70 -0.01
N GLY A 166 16.26 33.77 0.63
CA GLY A 166 16.65 35.02 1.29
C GLY A 166 17.56 35.87 0.39
N ALA A 167 18.51 36.56 1.04
CA ALA A 167 19.51 37.39 0.36
C ALA A 167 20.66 36.62 -0.36
N GLU A 168 20.87 35.35 -0.01
CA GLU A 168 21.98 34.54 -0.52
C GLU A 168 22.46 34.71 -1.98
N LYS A 169 23.76 34.39 -2.17
CA LYS A 169 24.51 34.39 -3.46
C LYS A 169 25.09 33.01 -3.91
N SER B 1 2.57 -5.59 -3.22
CA SER B 1 1.29 -6.34 -3.31
C SER B 1 1.42 -7.37 -4.47
N ASN B 2 0.86 -8.59 -4.29
CA ASN B 2 0.57 -9.48 -5.41
C ASN B 2 -0.94 -9.69 -5.62
N ALA B 3 -1.31 -9.99 -6.88
CA ALA B 3 -2.63 -10.52 -7.15
C ALA B 3 -2.57 -11.39 -8.38
N ILE B 4 -3.20 -12.57 -8.30
CA ILE B 4 -3.48 -13.40 -9.44
C ILE B 4 -4.97 -13.73 -9.54
N ALA B 5 -5.54 -13.45 -10.70
CA ALA B 5 -6.91 -13.95 -10.98
C ALA B 5 -6.87 -15.00 -12.10
N VAL B 6 -7.50 -16.14 -11.84
CA VAL B 6 -7.45 -17.26 -12.77
C VAL B 6 -8.80 -17.48 -13.43
N GLY B 7 -8.79 -17.72 -14.74
CA GLY B 7 -10.06 -17.83 -15.45
C GLY B 7 -10.55 -19.25 -15.75
N SER B 8 -11.69 -19.37 -16.44
CA SER B 8 -12.29 -20.74 -16.72
C SER B 8 -11.38 -21.64 -17.54
N GLU B 9 -10.53 -21.02 -18.36
CA GLU B 9 -9.59 -21.76 -19.18
C GLU B 9 -8.37 -22.25 -18.45
N ARG B 10 -8.12 -21.82 -17.20
CA ARG B 10 -6.92 -22.31 -16.49
C ARG B 10 -7.14 -22.94 -15.11
N SER B 11 -8.27 -22.66 -14.47
CA SER B 11 -8.52 -23.28 -13.16
C SER B 11 -8.95 -24.75 -13.25
N ALA B 12 -8.79 -25.46 -12.17
CA ALA B 12 -9.01 -26.88 -12.20
C ALA B 12 -10.50 -27.19 -12.22
N ASP B 13 -11.33 -26.14 -12.20
CA ASP B 13 -12.76 -26.35 -12.07
C ASP B 13 -13.60 -25.63 -13.10
N GLY B 14 -12.95 -24.89 -14.00
CA GLY B 14 -13.64 -24.16 -15.05
C GLY B 14 -14.23 -22.88 -14.50
N LYS B 15 -13.87 -22.57 -13.24
CA LYS B 15 -14.40 -21.38 -12.57
C LYS B 15 -13.35 -20.32 -12.21
N GLY B 16 -13.78 -19.14 -11.80
CA GLY B 16 -12.85 -18.10 -11.36
C GLY B 16 -12.12 -18.50 -10.10
N MET B 17 -11.02 -17.82 -9.84
CA MET B 17 -10.30 -18.05 -8.59
C MET B 17 -9.50 -16.82 -8.40
N LEU B 18 -9.36 -16.34 -7.17
CA LEU B 18 -8.49 -15.15 -6.96
C LEU B 18 -7.56 -15.30 -5.83
N LEU B 19 -6.31 -14.90 -6.01
CA LEU B 19 -5.37 -14.88 -4.87
C LEU B 19 -5.09 -13.41 -4.57
N ALA B 20 -5.39 -13.01 -3.33
CA ALA B 20 -5.11 -11.66 -2.90
C ALA B 20 -3.99 -11.65 -1.89
N ASN B 21 -2.88 -11.03 -2.26
CA ASN B 21 -1.78 -10.95 -1.34
C ASN B 21 -1.25 -9.51 -1.28
N PRO B 22 -2.07 -8.55 -0.81
CA PRO B 22 -1.57 -7.16 -0.79
C PRO B 22 -0.46 -6.95 0.25
N HIS B 23 0.44 -5.98 0.01
CA HIS B 23 1.55 -5.71 0.92
C HIS B 23 1.42 -4.31 1.47
N PHE B 24 1.09 -4.20 2.76
CA PHE B 24 0.85 -2.90 3.38
CA PHE B 24 0.89 -2.89 3.38
C PHE B 24 1.38 -2.97 4.83
N PRO B 25 1.48 -1.79 5.53
CA PRO B 25 2.04 -1.81 6.87
C PRO B 25 1.29 -2.64 7.91
N TRP B 26 2.05 -3.04 8.93
CA TRP B 26 1.59 -3.90 10.03
C TRP B 26 1.11 -3.06 11.20
N ASN B 27 1.20 -1.73 11.03
CA ASN B 27 0.82 -0.73 12.02
C ASN B 27 0.19 0.49 11.33
N GLY B 28 -0.63 1.25 12.06
CA GLY B 28 -0.90 2.62 11.58
C GLY B 28 -2.15 2.71 10.71
N ALA B 29 -2.23 3.77 9.90
CA ALA B 29 -3.43 4.17 9.21
C ALA B 29 -3.89 3.34 8.05
N MET B 30 -3.07 2.35 7.67
CA MET B 30 -3.34 1.42 6.60
C MET B 30 -3.30 -0.03 7.07
N ARG B 31 -3.42 -0.22 8.36
CA ARG B 31 -3.47 -1.57 8.92
C ARG B 31 -4.81 -2.20 8.60
N PHE B 32 -4.82 -3.25 7.79
CA PHE B 32 -6.04 -3.98 7.41
C PHE B 32 -6.76 -4.56 8.60
N TYR B 33 -8.08 -4.53 8.50
CA TYR B 33 -8.98 -5.06 9.50
C TYR B 33 -9.99 -5.97 8.72
N GLN B 34 -10.28 -7.19 9.18
CA GLN B 34 -11.26 -8.06 8.52
C GLN B 34 -12.66 -7.78 9.00
N MET B 35 -13.64 -7.88 8.08
CA MET B 35 -15.04 -7.83 8.53
C MET B 35 -15.97 -8.29 7.43
N HIS B 36 -17.19 -8.63 7.82
CA HIS B 36 -18.20 -9.12 6.87
C HIS B 36 -19.45 -8.19 7.04
N LEU B 37 -19.86 -7.54 5.94
CA LEU B 37 -20.95 -6.55 6.01
C LEU B 37 -22.15 -7.14 5.30
N THR B 38 -23.34 -7.07 5.91
CA THR B 38 -24.58 -7.60 5.25
C THR B 38 -25.78 -6.70 5.53
N ILE B 39 -26.47 -6.29 4.47
CA ILE B 39 -27.81 -5.67 4.59
C ILE B 39 -28.64 -6.64 3.81
N PRO B 40 -29.38 -7.49 4.50
CA PRO B 40 -29.98 -8.64 3.80
C PRO B 40 -30.83 -8.24 2.57
N GLY B 41 -30.69 -9.00 1.49
CA GLY B 41 -31.30 -8.62 0.20
C GLY B 41 -30.49 -7.68 -0.68
N ARG B 42 -29.58 -6.86 -0.14
CA ARG B 42 -28.91 -5.93 -1.12
C ARG B 42 -27.43 -5.72 -0.94
N LEU B 43 -26.86 -6.35 0.10
CA LEU B 43 -25.39 -6.27 0.34
C LEU B 43 -24.89 -7.45 1.12
N ASP B 44 -23.85 -8.10 0.65
CA ASP B 44 -23.25 -9.19 1.43
C ASP B 44 -21.85 -9.39 0.96
N VAL B 45 -20.89 -8.88 1.73
CA VAL B 45 -19.53 -8.85 1.22
C VAL B 45 -18.65 -9.05 2.44
N MET B 46 -17.49 -9.61 2.23
CA MET B 46 -16.52 -9.91 3.33
C MET B 46 -15.14 -9.64 2.83
N GLY B 47 -14.30 -9.21 3.71
CA GLY B 47 -12.90 -9.04 3.29
C GLY B 47 -12.10 -8.26 4.30
N ALA B 48 -11.34 -7.27 3.83
CA ALA B 48 -10.55 -6.38 4.74
C ALA B 48 -10.76 -4.96 4.35
N SER B 49 -10.62 -4.12 5.33
CA SER B 49 -10.78 -2.67 5.19
C SER B 49 -9.71 -1.89 5.96
N LEU B 50 -9.66 -0.59 5.71
CA LEU B 50 -8.74 0.27 6.34
C LEU B 50 -9.34 1.01 7.55
N PRO B 51 -8.48 1.41 8.53
CA PRO B 51 -8.98 2.15 9.72
C PRO B 51 -9.87 3.35 9.40
N GLY B 52 -11.08 3.33 9.97
CA GLY B 52 -12.00 4.47 9.92
C GLY B 52 -12.99 4.36 8.76
N LEU B 53 -12.83 3.37 7.87
CA LEU B 53 -13.62 3.31 6.64
C LEU B 53 -14.70 2.26 6.77
N PRO B 54 -15.98 2.67 6.61
CA PRO B 54 -17.07 1.68 6.73
C PRO B 54 -17.36 1.00 5.38
N VAL B 55 -16.31 0.52 4.72
CA VAL B 55 -16.50 -0.22 3.46
C VAL B 55 -15.42 -1.26 3.44
N VAL B 56 -15.63 -2.35 2.67
CA VAL B 56 -14.61 -3.36 2.51
C VAL B 56 -13.72 -2.95 1.31
N ASN B 57 -12.39 -2.94 1.49
CA ASN B 57 -11.47 -2.57 0.43
C ASN B 57 -10.99 -3.75 -0.42
N ILE B 58 -10.83 -4.92 0.18
CA ILE B 58 -10.38 -6.09 -0.56
C ILE B 58 -11.26 -7.22 -0.05
N GLY B 59 -11.90 -7.96 -0.92
CA GLY B 59 -12.86 -8.96 -0.42
C GLY B 59 -13.57 -9.72 -1.52
N PHE B 60 -14.72 -10.30 -1.19
CA PHE B 60 -15.48 -11.11 -2.10
C PHE B 60 -16.93 -11.09 -1.67
N SER B 61 -17.78 -11.63 -2.54
CA SER B 61 -19.19 -11.81 -2.26
C SER B 61 -19.60 -13.11 -2.98
N ARG B 62 -20.92 -13.27 -3.23
CA ARG B 62 -21.47 -14.55 -3.68
C ARG B 62 -20.82 -15.13 -4.99
N HIS B 63 -20.51 -14.25 -5.93
CA HIS B 63 -19.97 -14.63 -7.24
C HIS B 63 -18.66 -13.90 -7.68
N LEU B 64 -18.05 -13.10 -6.80
CA LEU B 64 -16.94 -12.20 -7.20
C LEU B 64 -15.92 -12.13 -6.09
N ALA B 65 -14.64 -12.05 -6.46
CA ALA B 65 -13.62 -11.67 -5.48
C ALA B 65 -12.78 -10.61 -6.14
N TRP B 66 -12.41 -9.58 -5.42
CA TRP B 66 -11.48 -8.60 -6.01
C TRP B 66 -10.39 -8.19 -4.98
N THR B 67 -9.32 -7.59 -5.50
CA THR B 67 -8.19 -7.18 -4.74
C THR B 67 -7.46 -6.04 -5.44
N HIS B 68 -6.42 -5.49 -4.80
CA HIS B 68 -5.73 -4.32 -5.38
C HIS B 68 -4.26 -4.47 -5.22
N THR B 69 -3.51 -3.72 -6.02
CA THR B 69 -2.07 -3.58 -5.84
C THR B 69 -1.73 -2.16 -6.21
N VAL B 70 -0.64 -1.64 -5.63
CA VAL B 70 -0.23 -0.27 -5.88
C VAL B 70 0.27 -0.18 -7.32
N ASP B 71 -0.32 0.71 -8.11
CA ASP B 71 -0.02 0.83 -9.55
C ASP B 71 1.22 1.70 -9.81
N THR B 72 1.68 1.77 -11.06
CA THR B 72 2.88 2.56 -11.38
C THR B 72 2.43 3.85 -12.03
N SER B 73 1.12 4.02 -12.21
CA SER B 73 0.63 5.29 -12.74
C SER B 73 1.04 6.53 -11.88
N SER B 74 1.09 7.70 -12.52
CA SER B 74 1.25 8.93 -11.80
C SER B 74 -0.14 9.39 -11.25
N HIS B 75 -0.19 9.85 -10.00
CA HIS B 75 -1.44 10.35 -9.41
C HIS B 75 -1.37 11.85 -9.08
N PHE B 76 -0.27 12.49 -9.48
CA PHE B 76 0.00 13.90 -9.18
C PHE B 76 0.90 14.39 -10.30
N THR B 77 1.04 15.71 -10.48
CA THR B 77 2.18 16.15 -11.22
C THR B 77 2.88 17.26 -10.48
N LEU B 78 4.23 17.25 -10.59
CA LEU B 78 5.07 18.38 -10.23
C LEU B 78 4.98 19.43 -11.30
N TYR B 79 5.02 20.68 -10.94
CA TYR B 79 5.13 21.70 -11.96
C TYR B 79 6.32 22.56 -11.64
N ARG B 80 7.28 22.62 -12.54
CA ARG B 80 8.37 23.57 -12.37
C ARG B 80 7.92 24.95 -12.78
N LEU B 81 8.08 25.90 -11.86
CA LEU B 81 7.64 27.25 -12.06
C LEU B 81 8.83 28.08 -12.50
N ALA B 82 8.58 29.05 -13.39
CA ALA B 82 9.59 30.07 -13.71
C ALA B 82 9.33 31.30 -12.82
N LEU B 83 10.27 31.64 -11.93
CA LEU B 83 10.01 32.77 -10.99
C LEU B 83 10.08 34.12 -11.70
N ASP B 84 9.25 35.06 -11.30
CA ASP B 84 9.38 36.46 -11.78
C ASP B 84 10.78 36.91 -11.44
N PRO B 85 11.52 37.38 -12.45
CA PRO B 85 12.91 37.75 -12.22
C PRO B 85 13.01 38.85 -11.17
N LYS B 86 11.92 39.63 -11.00
CA LYS B 86 11.92 40.72 -10.03
C LYS B 86 11.46 40.29 -8.61
N ASP B 87 10.84 39.12 -8.48
CA ASP B 87 10.18 38.75 -7.23
C ASP B 87 10.01 37.24 -7.15
N PRO B 88 10.85 36.57 -6.34
CA PRO B 88 10.82 35.12 -6.20
C PRO B 88 9.55 34.60 -5.50
N ARG B 89 8.62 35.48 -5.19
CA ARG B 89 7.32 35.08 -4.69
C ARG B 89 6.25 35.21 -5.74
N ARG B 90 6.64 35.58 -6.96
CA ARG B 90 5.71 35.65 -8.07
C ARG B 90 6.20 34.64 -9.15
N TYR B 91 5.33 34.16 -9.99
CA TYR B 91 5.82 33.17 -10.95
C TYR B 91 5.20 33.46 -12.31
N LEU B 92 5.87 33.06 -13.37
CA LEU B 92 5.38 33.43 -14.72
C LEU B 92 4.49 32.35 -15.32
N VAL B 93 3.29 32.76 -15.78
CA VAL B 93 2.49 31.92 -16.68
C VAL B 93 2.21 32.65 -18.00
N ASP B 94 2.60 32.03 -19.12
CA ASP B 94 2.60 32.68 -20.40
C ASP B 94 3.17 34.09 -20.27
N GLY B 95 4.34 34.22 -19.62
CA GLY B 95 5.06 35.51 -19.51
C GLY B 95 4.43 36.55 -18.63
N ARG B 96 3.33 36.18 -17.96
CA ARG B 96 2.54 37.09 -17.07
C ARG B 96 2.90 36.81 -15.62
N SER B 97 3.26 37.82 -14.85
CA SER B 97 3.72 37.60 -13.49
C SER B 97 2.52 37.38 -12.57
N LEU B 98 2.42 36.17 -11.98
CA LEU B 98 1.33 35.78 -11.04
C LEU B 98 1.80 35.76 -9.54
N PRO B 99 0.93 36.21 -8.58
CA PRO B 99 1.39 36.22 -7.17
C PRO B 99 1.15 34.84 -6.54
N LEU B 100 2.10 34.35 -5.73
CA LEU B 100 1.81 33.17 -4.92
C LEU B 100 0.81 33.53 -3.85
N GLU B 101 -0.07 32.57 -3.56
CA GLU B 101 -0.95 32.68 -2.42
C GLU B 101 -0.39 32.08 -1.11
N GLU B 102 -0.82 32.67 -0.01
CA GLU B 102 -0.33 32.27 1.30
C GLU B 102 -1.50 31.74 2.10
N LYS B 103 -1.41 30.53 2.61
CA LYS B 103 -2.39 30.11 3.60
C LYS B 103 -1.63 29.75 4.85
N SER B 104 -1.94 30.43 5.95
CA SER B 104 -1.39 30.12 7.23
C SER B 104 -2.19 29.11 8.05
N VAL B 105 -1.47 28.20 8.69
CA VAL B 105 -2.06 27.32 9.66
C VAL B 105 -1.40 27.54 10.98
N ALA B 106 -2.11 27.22 12.03
CA ALA B 106 -1.67 27.42 13.39
C ALA B 106 -1.82 26.13 14.12
N ILE B 107 -0.79 25.74 14.80
CA ILE B 107 -0.72 24.44 15.43
C ILE B 107 -0.35 24.67 16.88
N GLU B 108 -0.96 23.96 17.80
CA GLU B 108 -0.60 24.05 19.20
C GLU B 108 0.50 23.04 19.52
N VAL B 109 1.52 23.45 20.26
CA VAL B 109 2.61 22.55 20.61
C VAL B 109 2.74 22.43 22.13
N ARG B 110 2.70 21.20 22.62
CA ARG B 110 3.01 20.92 24.03
C ARG B 110 4.49 21.02 24.30
N GLY B 111 4.88 22.04 25.08
CA GLY B 111 6.30 22.22 25.54
C GLY B 111 6.78 21.39 26.74
N ALA B 112 8.11 21.48 27.02
CA ALA B 112 8.78 20.94 28.23
C ALA B 112 7.87 21.06 29.48
N ASP B 113 7.35 22.26 29.68
CA ASP B 113 6.48 22.59 30.83
C ASP B 113 5.07 21.97 30.89
N GLY B 114 4.60 21.32 29.82
CA GLY B 114 3.22 20.82 29.78
C GLY B 114 2.21 21.81 29.24
N LYS B 115 2.70 22.99 28.86
CA LYS B 115 1.86 24.10 28.44
C LYS B 115 1.88 24.23 26.90
N LEU B 116 0.91 24.95 26.40
CA LEU B 116 0.72 25.03 24.97
C LEU B 116 1.29 26.30 24.39
N SER B 117 2.12 26.15 23.35
CA SER B 117 2.51 27.28 22.48
C SER B 117 1.82 27.18 21.12
N ARG B 118 1.61 28.33 20.49
CA ARG B 118 1.02 28.38 19.19
C ARG B 118 2.08 28.70 18.13
N VAL B 119 2.27 27.76 17.21
CA VAL B 119 3.17 27.91 16.08
C VAL B 119 2.37 28.17 14.83
N GLU B 120 2.71 29.27 14.15
CA GLU B 120 2.04 29.70 12.92
C GLU B 120 2.95 29.35 11.77
N HIS B 121 2.36 28.86 10.70
CA HIS B 121 3.18 28.40 9.60
C HIS B 121 2.48 28.74 8.27
N LYS B 122 3.25 29.44 7.45
CA LYS B 122 2.83 29.87 6.13
C LYS B 122 3.03 28.77 5.05
N VAL B 123 1.92 28.42 4.38
CA VAL B 123 1.95 27.54 3.25
C VAL B 123 1.69 28.30 1.96
N TYR B 124 2.70 28.35 1.11
CA TYR B 124 2.58 29.03 -0.19
C TYR B 124 2.00 28.11 -1.24
N GLN B 125 1.15 28.69 -2.09
CA GLN B 125 0.36 27.95 -3.05
C GLN B 125 0.38 28.69 -4.37
N SER B 126 0.35 27.94 -5.46
CA SER B 126 0.29 28.51 -6.82
C SER B 126 -1.01 28.01 -7.43
N ILE B 127 -1.30 28.43 -8.67
CA ILE B 127 -2.54 27.94 -9.31
C ILE B 127 -2.59 26.41 -9.32
N TYR B 128 -1.44 25.73 -9.34
CA TYR B 128 -1.35 24.24 -9.35
C TYR B 128 -1.59 23.54 -8.00
N GLY B 129 -1.37 24.25 -6.90
CA GLY B 129 -1.24 23.63 -5.60
C GLY B 129 -0.02 24.15 -4.89
N PRO B 130 0.33 23.54 -3.71
CA PRO B 130 1.39 24.02 -2.86
C PRO B 130 2.81 23.79 -3.40
N LEU B 131 3.72 24.67 -2.99
CA LEU B 131 5.11 24.53 -3.42
C LEU B 131 5.73 23.49 -2.54
N VAL B 132 6.74 22.80 -3.05
CA VAL B 132 7.44 21.78 -2.32
C VAL B 132 8.96 21.94 -2.57
N VAL B 133 9.76 21.61 -1.55
CA VAL B 133 11.21 21.81 -1.59
C VAL B 133 11.84 20.52 -1.17
N TRP B 134 12.60 19.89 -2.08
CA TRP B 134 13.41 18.73 -1.81
CA TRP B 134 13.43 18.72 -1.82
C TRP B 134 14.82 19.28 -1.99
N PRO B 135 15.57 19.50 -0.88
CA PRO B 135 16.89 20.16 -0.96
C PRO B 135 17.88 19.42 -1.85
N GLY B 136 18.51 20.15 -2.76
CA GLY B 136 19.43 19.54 -3.70
C GLY B 136 18.79 18.97 -4.96
N LYS B 137 17.46 18.88 -5.03
CA LYS B 137 16.79 18.39 -6.25
C LYS B 137 15.63 19.30 -6.70
N LEU B 138 14.68 19.57 -5.81
CA LEU B 138 13.65 20.58 -6.06
C LEU B 138 13.75 21.80 -5.15
N ASP B 139 14.67 22.70 -5.48
CA ASP B 139 14.86 23.97 -4.79
C ASP B 139 13.83 25.06 -5.06
N TRP B 140 13.85 26.07 -4.21
CA TRP B 140 13.09 27.27 -4.47
C TRP B 140 14.17 28.38 -4.46
N ASN B 141 14.77 28.68 -5.61
CA ASN B 141 15.79 29.73 -5.66
C ASN B 141 15.15 30.97 -6.27
N ARG B 142 15.99 31.86 -6.82
CA ARG B 142 15.51 33.08 -7.46
C ARG B 142 15.02 32.85 -8.90
N SER B 143 15.27 31.67 -9.45
CA SER B 143 14.89 31.41 -10.84
CA SER B 143 14.93 31.38 -10.85
C SER B 143 13.75 30.41 -10.98
N GLU B 144 13.72 29.39 -10.12
CA GLU B 144 12.64 28.39 -10.19
C GLU B 144 12.14 27.87 -8.84
N ALA B 145 10.94 27.28 -8.87
CA ALA B 145 10.38 26.59 -7.74
C ALA B 145 9.51 25.44 -8.30
N TYR B 146 9.01 24.55 -7.41
CA TYR B 146 8.13 23.46 -7.82
C TYR B 146 6.85 23.42 -6.99
N ALA B 147 5.74 23.19 -7.69
CA ALA B 147 4.47 23.11 -7.06
C ALA B 147 3.99 21.68 -7.34
N LEU B 148 3.04 21.20 -6.55
CA LEU B 148 2.59 19.84 -6.73
C LEU B 148 1.05 19.83 -6.87
N ARG B 149 0.53 19.20 -7.91
CA ARG B 149 -0.91 19.12 -8.06
C ARG B 149 -1.29 17.65 -7.93
N ASP B 150 -1.97 17.32 -6.83
CA ASP B 150 -2.36 15.95 -6.52
C ASP B 150 -3.80 15.69 -7.02
N ALA B 151 -3.99 14.72 -7.91
CA ALA B 151 -5.28 14.54 -8.52
C ALA B 151 -6.34 13.99 -7.50
N ASN B 152 -5.86 13.23 -6.52
CA ASN B 152 -6.81 12.75 -5.49
C ASN B 152 -7.40 13.74 -4.50
N LEU B 153 -6.83 14.94 -4.37
CA LEU B 153 -7.50 16.03 -3.64
C LEU B 153 -8.95 16.26 -4.03
N GLU B 154 -9.28 16.16 -5.30
CA GLU B 154 -10.67 16.41 -5.71
C GLU B 154 -11.39 15.11 -5.93
N ASN B 155 -10.84 13.97 -5.53
CA ASN B 155 -11.58 12.71 -5.65
C ASN B 155 -12.52 12.52 -4.41
N THR B 156 -13.72 13.06 -4.47
CA THR B 156 -14.72 12.85 -3.40
C THR B 156 -15.47 11.55 -3.57
N ARG B 157 -15.06 10.79 -4.59
CA ARG B 157 -15.82 9.56 -4.97
C ARG B 157 -15.30 8.26 -4.37
N VAL B 158 -14.23 8.33 -3.56
CA VAL B 158 -13.55 7.15 -3.11
C VAL B 158 -14.38 6.16 -2.31
N LEU B 159 -15.14 6.60 -1.34
CA LEU B 159 -15.95 5.70 -0.47
C LEU B 159 -17.16 5.17 -1.20
N GLN B 160 -17.75 6.02 -2.03
CA GLN B 160 -18.91 5.57 -2.81
C GLN B 160 -18.35 4.54 -3.80
N GLN B 161 -17.15 4.79 -4.36
CA GLN B 161 -16.56 3.82 -5.23
C GLN B 161 -16.41 2.44 -4.56
N TRP B 162 -15.81 2.39 -3.37
CA TRP B 162 -15.64 1.03 -2.74
C TRP B 162 -17.00 0.44 -2.30
N TYR B 163 -17.90 1.30 -1.82
CA TYR B 163 -19.24 0.83 -1.49
C TYR B 163 -19.91 0.22 -2.73
N SER B 164 -19.65 0.83 -3.88
CA SER B 164 -20.26 0.34 -5.10
C SER B 164 -19.63 -1.02 -5.46
N ILE B 165 -18.29 -1.11 -5.38
CA ILE B 165 -17.59 -2.38 -5.62
C ILE B 165 -18.13 -3.45 -4.65
N ASN B 166 -18.39 -3.08 -3.38
CA ASN B 166 -18.96 -4.08 -2.41
C ASN B 166 -20.34 -4.67 -2.87
N GLN B 167 -21.01 -3.96 -3.78
CA GLN B 167 -22.36 -4.34 -4.21
C GLN B 167 -22.28 -4.99 -5.57
N ALA B 168 -21.09 -5.06 -6.18
CA ALA B 168 -20.92 -5.67 -7.53
C ALA B 168 -21.28 -7.19 -7.60
N SER B 169 -21.94 -7.64 -8.64
CA SER B 169 -22.33 -9.08 -8.73
C SER B 169 -21.21 -9.86 -9.34
N ASP B 170 -20.67 -9.37 -10.44
CA ASP B 170 -19.63 -10.07 -11.13
C ASP B 170 -18.60 -9.16 -11.79
N VAL B 171 -17.67 -9.73 -12.52
CA VAL B 171 -16.59 -9.00 -13.16
C VAL B 171 -17.05 -7.90 -14.08
N ALA B 172 -18.03 -8.20 -14.95
CA ALA B 172 -18.53 -7.16 -15.87
C ALA B 172 -19.14 -6.02 -15.08
N ASP B 173 -19.80 -6.37 -13.98
CA ASP B 173 -20.53 -5.38 -13.18
C ASP B 173 -19.48 -4.53 -12.43
N LEU B 174 -18.46 -5.21 -11.90
CA LEU B 174 -17.40 -4.55 -11.20
C LEU B 174 -16.69 -3.56 -12.12
N ARG B 175 -16.22 -4.03 -13.28
CA ARG B 175 -15.72 -3.14 -14.34
C ARG B 175 -16.63 -1.92 -14.66
N ARG B 176 -17.92 -2.16 -14.91
CA ARG B 176 -18.88 -1.06 -15.14
C ARG B 176 -18.85 -0.06 -13.99
N ARG B 177 -18.89 -0.57 -12.78
CA ARG B 177 -19.05 0.30 -11.64
C ARG B 177 -17.76 1.13 -11.43
N VAL B 178 -16.62 0.56 -11.77
CA VAL B 178 -15.35 1.26 -11.56
C VAL B 178 -15.12 2.29 -12.66
N GLU B 179 -15.46 1.89 -13.89
CA GLU B 179 -15.31 2.78 -15.03
C GLU B 179 -16.28 3.96 -14.99
N ALA B 180 -17.45 3.80 -14.38
CA ALA B 180 -18.38 4.90 -14.34
C ALA B 180 -17.94 5.90 -13.31
N LEU B 181 -17.46 5.42 -12.16
CA LEU B 181 -17.31 6.39 -11.10
C LEU B 181 -15.85 6.91 -10.98
N GLN B 182 -14.88 6.11 -11.39
CA GLN B 182 -13.49 6.50 -11.42
C GLN B 182 -13.08 7.11 -10.05
N GLY B 183 -13.50 6.44 -8.97
CA GLY B 183 -13.09 6.85 -7.69
C GLY B 183 -11.95 6.07 -7.07
N ILE B 184 -11.34 5.11 -7.77
CA ILE B 184 -10.18 4.42 -7.22
C ILE B 184 -8.94 5.29 -7.24
N PRO B 185 -8.34 5.59 -6.04
CA PRO B 185 -7.24 6.55 -6.01
C PRO B 185 -5.96 6.14 -6.68
N TRP B 186 -5.40 5.02 -6.30
CA TRP B 186 -4.07 4.77 -6.81
C TRP B 186 -3.67 3.32 -6.72
N VAL B 187 -4.63 2.46 -7.00
CA VAL B 187 -4.37 1.03 -7.12
C VAL B 187 -5.01 0.46 -8.38
N ASN B 188 -4.37 -0.61 -8.88
CA ASN B 188 -4.89 -1.62 -9.79
C ASN B 188 -5.96 -2.40 -9.06
N THR B 189 -6.86 -3.03 -9.84
CA THR B 189 -7.89 -3.87 -9.34
C THR B 189 -7.78 -5.16 -10.17
N LEU B 190 -7.81 -6.31 -9.46
CA LEU B 190 -7.86 -7.61 -10.15
C LEU B 190 -8.96 -8.40 -9.51
N ALA B 191 -9.65 -9.22 -10.30
CA ALA B 191 -10.88 -9.82 -9.80
C ALA B 191 -11.15 -11.10 -10.52
N ALA B 192 -11.89 -11.99 -9.89
CA ALA B 192 -12.42 -13.11 -10.66
C ALA B 192 -13.82 -13.40 -10.24
N ASP B 193 -14.61 -13.95 -11.15
CA ASP B 193 -15.97 -14.32 -10.83
C ASP B 193 -16.28 -15.77 -11.00
N GLU B 194 -17.51 -16.14 -10.58
CA GLU B 194 -17.95 -17.55 -10.67
C GLU B 194 -17.91 -18.08 -12.12
N GLN B 195 -18.47 -17.31 -13.05
CA GLN B 195 -18.47 -17.62 -14.48
C GLN B 195 -17.02 -17.91 -15.02
N GLY B 196 -15.98 -17.48 -14.33
CA GLY B 196 -14.62 -17.85 -14.76
C GLY B 196 -13.94 -16.76 -15.53
N ASN B 197 -14.43 -15.53 -15.41
CA ASN B 197 -13.69 -14.39 -15.92
C ASN B 197 -12.59 -13.86 -14.96
N ALA B 198 -11.49 -13.39 -15.55
CA ALA B 198 -10.40 -12.86 -14.78
C ALA B 198 -10.07 -11.44 -15.34
N LEU B 199 -10.13 -10.46 -14.46
CA LEU B 199 -10.04 -9.04 -14.88
C LEU B 199 -8.86 -8.29 -14.25
N TYR B 200 -8.19 -7.47 -15.04
CA TYR B 200 -7.18 -6.54 -14.54
C TYR B 200 -7.57 -5.15 -15.02
N MET B 201 -7.62 -4.14 -14.11
CA MET B 201 -7.82 -2.73 -14.48
C MET B 201 -6.79 -1.91 -13.79
N ASN B 202 -6.15 -1.08 -14.58
CA ASN B 202 -5.29 0.00 -14.11
C ASN B 202 -6.21 1.21 -14.09
N GLN B 203 -7.33 1.09 -13.35
CA GLN B 203 -8.38 2.09 -13.35
C GLN B 203 -8.39 2.86 -12.06
N SER B 204 -7.67 3.97 -12.11
CA SER B 204 -7.55 4.84 -10.98
C SER B 204 -7.57 6.31 -11.45
N VAL B 205 -7.33 7.25 -10.52
CA VAL B 205 -7.42 8.69 -10.81
C VAL B 205 -6.00 9.12 -11.18
N VAL B 206 -5.84 9.42 -12.47
CA VAL B 206 -4.57 9.72 -13.12
C VAL B 206 -4.69 11.07 -13.88
N PRO B 207 -3.73 12.00 -13.65
CA PRO B 207 -3.70 13.29 -14.35
C PRO B 207 -3.70 13.11 -15.88
N TYR B 208 -4.53 13.87 -16.56
CA TYR B 208 -4.67 13.73 -17.98
C TYR B 208 -4.00 14.89 -18.76
N LEU B 209 -3.14 14.46 -19.65
CA LEU B 209 -2.58 15.34 -20.65
C LEU B 209 -2.71 14.66 -22.02
N LYS B 210 -3.26 15.34 -23.00
CA LYS B 210 -3.38 14.76 -24.35
C LYS B 210 -2.01 14.36 -24.87
N PRO B 211 -1.95 13.26 -25.66
CA PRO B 211 -0.66 12.60 -25.93
C PRO B 211 0.36 13.51 -26.65
N GLU B 212 -0.14 14.39 -27.52
CA GLU B 212 0.73 15.30 -28.26
C GLU B 212 1.34 16.42 -27.37
N LEU B 213 0.77 16.67 -26.18
CA LEU B 213 1.33 17.69 -25.32
C LEU B 213 2.56 17.21 -24.53
N ILE B 214 2.65 15.89 -24.37
CA ILE B 214 3.61 15.37 -23.42
C ILE B 214 5.06 15.79 -23.69
N PRO B 215 5.57 15.53 -24.93
CA PRO B 215 6.97 15.81 -25.27
C PRO B 215 7.43 17.21 -24.95
N ALA B 216 6.54 18.19 -25.08
CA ALA B 216 6.91 19.57 -24.78
C ALA B 216 6.56 20.02 -23.38
N CYS B 217 5.67 19.30 -22.71
CA CYS B 217 5.28 19.74 -21.36
C CYS B 217 6.13 19.05 -20.28
N ALA B 218 6.85 18.01 -20.66
CA ALA B 218 7.62 17.21 -19.71
C ALA B 218 8.86 17.99 -19.28
N ILE B 219 9.36 17.77 -18.06
CA ILE B 219 10.69 18.26 -17.75
C ILE B 219 11.57 17.05 -17.96
N PRO B 220 12.36 17.00 -19.05
CA PRO B 220 12.96 15.68 -19.53
C PRO B 220 13.87 14.98 -18.54
N GLN B 221 14.76 15.74 -17.90
CA GLN B 221 15.66 15.23 -16.83
C GLN B 221 14.86 14.67 -15.64
N LEU B 222 13.78 15.34 -15.24
CA LEU B 222 13.06 14.89 -14.04
C LEU B 222 12.26 13.65 -14.36
N VAL B 223 11.82 13.58 -15.60
CA VAL B 223 11.06 12.44 -16.05
C VAL B 223 11.90 11.15 -16.19
N ALA B 224 13.19 11.28 -16.48
CA ALA B 224 14.07 10.10 -16.53
C ALA B 224 14.28 9.51 -15.12
N GLU B 225 14.33 10.37 -14.11
CA GLU B 225 14.39 9.98 -12.71
C GLU B 225 13.04 9.44 -12.15
N GLY B 226 12.01 9.21 -12.99
CA GLY B 226 10.70 8.73 -12.51
C GLY B 226 9.64 9.74 -12.05
N LEU B 227 9.97 11.05 -12.01
CA LEU B 227 9.04 12.10 -11.54
C LEU B 227 8.14 12.60 -12.63
N PRO B 228 6.84 12.70 -12.37
CA PRO B 228 5.88 13.26 -13.35
C PRO B 228 5.94 14.82 -13.29
N ALA B 229 6.88 15.36 -14.06
CA ALA B 229 7.16 16.76 -13.93
C ALA B 229 6.74 17.45 -15.19
N LEU B 230 6.10 18.60 -15.03
CA LEU B 230 5.64 19.34 -16.17
C LEU B 230 6.10 20.78 -16.12
N GLN B 231 6.02 21.47 -17.27
CA GLN B 231 6.44 22.86 -17.36
C GLN B 231 5.34 23.78 -16.86
N GLY B 232 5.56 24.40 -15.72
CA GLY B 232 4.55 25.22 -15.09
C GLY B 232 4.49 26.67 -15.50
N GLN B 233 5.22 27.05 -16.54
CA GLN B 233 5.22 28.45 -17.05
C GLN B 233 4.37 28.63 -18.34
N ASP B 234 3.78 27.55 -18.79
CA ASP B 234 2.98 27.46 -20.03
C ASP B 234 1.54 26.96 -19.70
N SER B 235 0.53 27.80 -19.87
CA SER B 235 -0.87 27.31 -19.65
C SER B 235 -1.27 26.10 -20.49
N ARG B 236 -0.54 25.75 -21.55
CA ARG B 236 -1.01 24.59 -22.34
C ARG B 236 -0.57 23.25 -21.70
N CYS B 237 0.17 23.35 -20.59
CA CYS B 237 0.56 22.19 -19.79
C CYS B 237 -0.36 21.96 -18.57
N ALA B 238 -1.44 22.72 -18.48
CA ALA B 238 -2.55 22.38 -17.52
C ALA B 238 -3.15 21.00 -17.90
N TRP B 239 -3.69 20.27 -16.94
CA TRP B 239 -4.30 18.98 -17.31
C TRP B 239 -5.38 19.21 -18.34
N SER B 240 -5.50 18.29 -19.31
CA SER B 240 -6.50 18.39 -20.37
C SER B 240 -7.88 18.05 -19.81
N ARG B 241 -8.92 18.72 -20.33
CA ARG B 241 -10.30 18.59 -19.88
C ARG B 241 -10.99 17.78 -20.91
N ASP B 242 -11.61 16.67 -20.52
CA ASP B 242 -12.28 15.81 -21.48
C ASP B 242 -13.61 15.40 -20.83
N PRO B 243 -14.76 15.64 -21.52
CA PRO B 243 -16.06 15.56 -20.79
C PRO B 243 -16.44 14.15 -20.41
N ALA B 244 -15.75 13.16 -21.00
CA ALA B 244 -15.90 11.77 -20.63
C ALA B 244 -15.22 11.36 -19.26
N ALA B 245 -14.24 12.12 -18.75
CA ALA B 245 -13.64 11.81 -17.43
C ALA B 245 -14.63 12.14 -16.32
N ALA B 246 -14.67 11.36 -15.22
CA ALA B 246 -15.60 11.70 -14.10
C ALA B 246 -15.13 12.89 -13.26
N GLN B 247 -13.92 13.40 -13.49
CA GLN B 247 -13.43 14.55 -12.77
C GLN B 247 -12.54 15.38 -13.71
N ALA B 248 -12.69 16.69 -13.61
CA ALA B 248 -11.95 17.65 -14.46
C ALA B 248 -10.42 17.42 -14.43
N GLY B 249 -9.82 17.01 -15.55
CA GLY B 249 -8.38 16.86 -15.58
C GLY B 249 -7.85 15.48 -15.38
N ILE B 250 -8.72 14.50 -15.14
CA ILE B 250 -8.24 13.13 -15.02
C ILE B 250 -8.47 12.37 -16.30
N THR B 251 -7.73 11.26 -16.48
CA THR B 251 -7.80 10.42 -17.64
C THR B 251 -9.14 9.66 -17.67
N PRO B 252 -9.92 9.80 -18.76
CA PRO B 252 -11.15 8.98 -19.00
C PRO B 252 -10.86 7.49 -18.96
N ALA B 253 -11.86 6.75 -18.57
CA ALA B 253 -11.74 5.32 -18.33
C ALA B 253 -11.29 4.54 -19.57
N ALA B 254 -11.76 4.98 -20.74
CA ALA B 254 -11.46 4.31 -22.03
C ALA B 254 -9.95 4.39 -22.32
N GLN B 255 -9.25 5.29 -21.62
CA GLN B 255 -7.82 5.44 -21.92
C GLN B 255 -6.89 4.72 -20.93
N LEU B 256 -7.50 4.08 -19.93
CA LEU B 256 -6.74 3.36 -18.88
C LEU B 256 -6.68 1.89 -19.22
N PRO B 257 -5.56 1.23 -19.03
CA PRO B 257 -5.46 -0.18 -19.36
C PRO B 257 -6.49 -1.11 -18.67
N VAL B 258 -7.14 -2.01 -19.44
CA VAL B 258 -7.99 -3.07 -18.93
C VAL B 258 -7.67 -4.34 -19.71
N LEU B 259 -7.70 -5.49 -19.06
CA LEU B 259 -7.49 -6.73 -19.71
C LEU B 259 -8.49 -7.73 -19.15
N LEU B 260 -9.30 -8.35 -20.01
CA LEU B 260 -10.35 -9.28 -19.55
C LEU B 260 -10.06 -10.62 -20.22
N ARG B 261 -9.71 -11.65 -19.46
CA ARG B 261 -9.24 -12.89 -20.04
C ARG B 261 -9.93 -14.07 -19.40
N ARG B 262 -9.65 -15.28 -19.92
CA ARG B 262 -10.18 -16.48 -19.28
C ARG B 262 -9.08 -17.38 -18.83
N ASP B 263 -7.85 -16.94 -19.00
CA ASP B 263 -6.75 -17.73 -18.45
C ASP B 263 -6.17 -17.17 -17.13
N PHE B 264 -5.48 -16.03 -17.21
CA PHE B 264 -5.02 -15.42 -15.98
C PHE B 264 -4.67 -13.94 -16.25
N VAL B 265 -4.66 -13.16 -15.17
CA VAL B 265 -4.04 -11.86 -15.09
C VAL B 265 -3.33 -11.81 -13.75
N GLN B 266 -2.26 -11.01 -13.70
CA GLN B 266 -1.43 -10.93 -12.52
C GLN B 266 -0.79 -9.53 -12.44
N ASN B 267 -0.45 -9.11 -11.21
CA ASN B 267 0.32 -7.88 -11.02
C ASN B 267 1.08 -7.94 -9.69
N SER B 268 2.35 -7.54 -9.76
CA SER B 268 3.18 -7.34 -8.57
C SER B 268 3.83 -5.94 -8.49
N ASN B 269 3.01 -4.90 -8.71
CA ASN B 269 3.41 -3.49 -8.67
C ASN B 269 4.24 -3.02 -9.83
N ASP B 270 4.42 -3.84 -10.86
CA ASP B 270 4.88 -3.30 -12.14
C ASP B 270 3.72 -2.65 -12.90
N SER B 271 4.06 -2.08 -14.06
CA SER B 271 3.04 -1.45 -14.89
C SER B 271 2.08 -2.46 -15.45
N ALA B 272 1.08 -1.95 -16.16
CA ALA B 272 0.10 -2.80 -16.88
C ALA B 272 0.71 -3.72 -17.94
N TRP B 273 1.89 -3.38 -18.45
CA TRP B 273 2.48 -4.04 -19.60
C TRP B 273 2.33 -5.61 -19.68
N LEU B 274 3.03 -6.33 -18.79
CA LEU B 274 3.02 -7.78 -18.78
C LEU B 274 1.98 -8.45 -17.85
N THR B 275 0.87 -7.77 -17.57
CA THR B 275 -0.25 -8.36 -16.84
C THR B 275 -0.56 -9.83 -17.26
N ASN B 276 -0.68 -10.05 -18.56
CA ASN B 276 -0.56 -11.42 -19.15
C ASN B 276 0.29 -11.27 -20.45
N PRO B 277 1.51 -11.84 -20.47
CA PRO B 277 2.45 -11.68 -21.65
C PRO B 277 1.81 -12.05 -23.02
N ALA B 278 0.81 -12.96 -23.06
CA ALA B 278 0.20 -13.38 -24.32
C ALA B 278 -0.56 -12.21 -24.87
N SER B 279 -0.66 -11.13 -24.11
CA SER B 279 -1.42 -9.98 -24.57
C SER B 279 -0.90 -8.69 -23.99
N PRO B 280 0.25 -8.21 -24.49
CA PRO B 280 0.87 -7.11 -23.76
C PRO B 280 -0.02 -5.87 -23.77
N LEU B 281 -0.02 -5.07 -22.68
CA LEU B 281 -0.74 -3.80 -22.71
C LEU B 281 0.25 -2.69 -23.00
N GLN B 282 0.09 -2.06 -24.17
CA GLN B 282 1.13 -1.17 -24.72
C GLN B 282 0.41 0.04 -25.32
N GLY B 283 1.16 1.14 -25.53
CA GLY B 283 0.62 2.33 -26.19
C GLY B 283 -0.13 3.27 -25.24
N PHE B 284 0.20 3.26 -23.94
CA PHE B 284 -0.44 4.21 -23.03
C PHE B 284 0.39 5.44 -22.73
N SER B 285 -0.23 6.50 -22.27
CA SER B 285 0.52 7.62 -21.73
C SER B 285 1.60 7.21 -20.70
N PRO B 286 2.70 7.97 -20.70
CA PRO B 286 3.72 7.62 -19.73
C PRO B 286 3.26 7.98 -18.31
N LEU B 287 2.20 8.78 -18.17
CA LEU B 287 1.54 8.99 -16.88
C LEU B 287 0.80 7.72 -16.46
N VAL B 288 0.61 6.75 -17.37
CA VAL B 288 -0.33 5.68 -17.12
C VAL B 288 0.43 4.37 -16.94
N SER B 289 1.19 4.00 -17.95
CA SER B 289 1.82 2.72 -17.98
C SER B 289 2.94 2.80 -18.98
N GLN B 290 4.08 2.26 -18.60
CA GLN B 290 5.26 2.24 -19.45
C GLN B 290 5.80 0.84 -19.45
N GLU B 291 6.43 0.49 -20.55
CA GLU B 291 6.92 -0.84 -20.73
C GLU B 291 8.29 -0.91 -20.08
N LYS B 292 8.34 -1.01 -18.75
CA LYS B 292 9.60 -1.11 -18.02
C LYS B 292 9.85 -2.54 -17.54
N PRO B 293 11.11 -2.90 -17.31
CA PRO B 293 11.44 -4.24 -16.86
C PRO B 293 10.74 -4.60 -15.55
N ILE B 294 10.18 -5.80 -15.46
CA ILE B 294 9.39 -6.20 -14.33
C ILE B 294 10.28 -6.66 -13.20
N GLY B 295 9.80 -6.49 -11.98
CA GLY B 295 10.58 -6.87 -10.82
C GLY B 295 10.55 -8.37 -10.59
N PRO B 296 11.38 -8.86 -9.67
CA PRO B 296 11.43 -10.30 -9.48
C PRO B 296 10.14 -10.99 -9.03
N ARG B 297 9.25 -10.31 -8.31
CA ARG B 297 7.98 -10.98 -7.90
C ARG B 297 7.08 -11.31 -9.13
N ALA B 298 6.89 -10.33 -10.02
CA ALA B 298 6.23 -10.57 -11.28
C ALA B 298 6.93 -11.67 -12.13
N ARG B 299 8.25 -11.64 -12.24
CA ARG B 299 8.94 -12.66 -12.99
C ARG B 299 8.66 -14.02 -12.38
N TYR B 300 8.77 -14.10 -11.04
CA TYR B 300 8.50 -15.35 -10.36
C TYR B 300 7.11 -15.83 -10.70
N ALA B 301 6.10 -14.98 -10.46
CA ALA B 301 4.74 -15.41 -10.66
C ALA B 301 4.48 -15.86 -12.10
N LEU B 302 4.92 -15.06 -13.06
CA LEU B 302 4.84 -15.44 -14.46
C LEU B 302 5.57 -16.81 -14.72
N SER B 303 6.64 -17.09 -13.97
CA SER B 303 7.27 -18.40 -14.16
C SER B 303 6.36 -19.50 -13.66
N ARG B 304 5.49 -19.22 -12.71
CA ARG B 304 4.62 -20.28 -12.24
C ARG B 304 3.39 -20.45 -13.07
N LEU B 305 2.94 -19.39 -13.74
CA LEU B 305 1.57 -19.34 -14.28
C LEU B 305 1.52 -19.66 -15.74
N GLN B 306 2.52 -19.19 -16.46
CA GLN B 306 2.61 -19.52 -17.85
C GLN B 306 2.72 -21.02 -18.10
N GLY B 307 2.23 -21.44 -19.26
CA GLY B 307 2.16 -22.85 -19.54
C GLY B 307 0.71 -23.24 -19.70
N LYS B 308 0.42 -24.53 -19.61
CA LYS B 308 -0.93 -25.00 -19.87
C LYS B 308 -1.47 -25.92 -18.77
N GLN B 309 -0.67 -26.20 -17.75
CA GLN B 309 -1.22 -26.97 -16.66
C GLN B 309 -2.27 -26.15 -15.85
N PRO B 310 -3.28 -26.85 -15.32
CA PRO B 310 -4.29 -26.07 -14.66
C PRO B 310 -3.86 -25.70 -13.23
N LEU B 311 -4.42 -24.61 -12.74
CA LEU B 311 -3.96 -23.99 -11.52
C LEU B 311 -4.96 -24.35 -10.50
N GLU B 312 -4.48 -24.93 -9.42
CA GLU B 312 -5.32 -25.29 -8.28
C GLU B 312 -5.18 -24.21 -7.20
N ALA B 313 -6.22 -24.11 -6.35
CA ALA B 313 -6.16 -23.31 -5.15
C ALA B 313 -4.80 -23.50 -4.46
N LYS B 314 -4.41 -24.74 -4.30
CA LYS B 314 -3.22 -25.07 -3.55
C LYS B 314 -1.99 -24.51 -4.23
N THR B 315 -2.00 -24.52 -5.55
CA THR B 315 -0.91 -23.96 -6.31
C THR B 315 -0.67 -22.48 -5.99
N LEU B 316 -1.74 -21.69 -5.93
CA LEU B 316 -1.63 -20.26 -5.60
C LEU B 316 -1.20 -20.08 -4.15
N GLU B 317 -1.70 -20.90 -3.24
CA GLU B 317 -1.29 -20.81 -1.84
C GLU B 317 0.23 -20.94 -1.72
N GLU B 318 0.77 -21.97 -2.36
CA GLU B 318 2.18 -22.33 -2.16
C GLU B 318 3.13 -21.30 -2.77
N MET B 319 2.59 -20.49 -3.69
CA MET B 319 3.39 -19.49 -4.32
C MET B 319 3.70 -18.44 -3.26
N VAL B 320 2.79 -18.30 -2.28
CA VAL B 320 3.04 -17.47 -1.15
C VAL B 320 3.83 -18.21 -0.10
N THR B 321 3.37 -19.38 0.31
CA THR B 321 3.99 -20.04 1.45
C THR B 321 5.36 -20.66 1.15
N ALA B 322 5.76 -20.73 -0.12
CA ALA B 322 7.05 -21.30 -0.43
C ALA B 322 8.22 -20.43 0.08
N ASN B 323 7.98 -19.14 0.28
CA ASN B 323 9.03 -18.23 0.70
C ASN B 323 10.30 -18.30 -0.22
N HIS B 324 10.11 -18.58 -1.51
CA HIS B 324 11.22 -18.77 -2.42
C HIS B 324 11.84 -17.46 -2.87
N VAL B 325 13.17 -17.37 -2.77
CA VAL B 325 13.84 -16.12 -2.98
C VAL B 325 14.26 -16.10 -4.45
N PHE B 326 13.31 -15.74 -5.30
CA PHE B 326 13.45 -15.79 -6.72
C PHE B 326 14.68 -15.14 -7.30
N SER B 327 15.17 -14.06 -6.68
CA SER B 327 16.38 -13.34 -7.13
C SER B 327 17.59 -14.21 -7.12
N ALA B 328 17.64 -15.15 -6.17
CA ALA B 328 18.67 -16.21 -6.15
C ALA B 328 18.73 -16.95 -7.48
N ASP B 329 17.59 -17.29 -8.10
CA ASP B 329 17.57 -17.93 -9.44
C ASP B 329 18.42 -17.09 -10.43
N GLN B 330 18.45 -15.76 -10.32
CA GLN B 330 19.29 -15.04 -11.25
C GLN B 330 20.80 -15.05 -10.97
N VAL B 331 21.23 -15.20 -9.74
CA VAL B 331 22.62 -14.90 -9.48
C VAL B 331 23.38 -15.95 -8.68
N LEU B 332 22.68 -16.77 -7.91
CA LEU B 332 23.33 -17.75 -7.07
C LEU B 332 24.06 -18.84 -7.85
N PRO B 333 23.53 -19.25 -9.01
CA PRO B 333 24.34 -20.27 -9.72
C PRO B 333 25.77 -19.78 -10.02
N ASP B 334 25.88 -18.67 -10.76
CA ASP B 334 27.19 -18.08 -11.00
C ASP B 334 27.92 -17.66 -9.73
N LEU B 335 27.21 -17.04 -8.80
CA LEU B 335 27.86 -16.70 -7.57
C LEU B 335 28.51 -17.94 -6.96
N LEU B 336 27.83 -19.09 -7.03
CA LEU B 336 28.42 -20.28 -6.45
C LEU B 336 29.62 -20.80 -7.25
N ARG B 337 29.66 -20.49 -8.56
CA ARG B 337 30.76 -20.96 -9.39
C ARG B 337 31.97 -20.16 -8.89
N LEU B 338 31.82 -18.84 -8.82
CA LEU B 338 32.83 -17.98 -8.22
C LEU B 338 33.28 -18.52 -6.86
N CYS B 339 32.35 -18.93 -6.00
CA CYS B 339 32.79 -19.56 -4.76
C CYS B 339 33.78 -20.70 -4.96
N ARG B 340 33.42 -21.66 -5.85
CA ARG B 340 34.26 -22.85 -6.09
C ARG B 340 35.63 -22.44 -6.67
N ASP B 341 35.58 -21.49 -7.62
CA ASP B 341 36.78 -20.88 -8.19
C ASP B 341 37.74 -20.31 -7.12
N ASN B 342 37.22 -19.91 -5.95
CA ASN B 342 38.01 -19.27 -4.90
C ASN B 342 38.13 -20.04 -3.57
N GLN B 343 38.09 -21.37 -3.63
CA GLN B 343 38.14 -22.21 -2.41
C GLN B 343 39.47 -21.96 -1.72
N GLY B 344 39.42 -21.66 -0.43
CA GLY B 344 40.65 -21.35 0.32
C GLY B 344 41.04 -19.88 0.30
N GLU B 345 40.09 -19.00 -0.01
CA GLU B 345 40.18 -17.59 0.38
C GLU B 345 39.61 -17.49 1.78
N LYS B 346 40.48 -17.46 2.79
CA LYS B 346 40.01 -17.49 4.19
C LYS B 346 38.80 -16.52 4.44
N SER B 347 38.79 -15.38 3.73
CA SER B 347 37.76 -14.36 3.92
C SER B 347 36.35 -14.79 3.42
N LEU B 348 36.30 -15.70 2.46
CA LEU B 348 35.06 -16.04 1.74
C LEU B 348 34.41 -17.35 2.15
N ALA B 349 35.10 -18.11 2.99
CA ALA B 349 34.71 -19.50 3.24
C ALA B 349 33.38 -19.69 4.03
N ARG B 350 33.18 -18.91 5.10
CA ARG B 350 31.90 -18.93 5.82
C ARG B 350 30.73 -18.53 4.87
N ALA B 351 30.97 -17.52 4.02
CA ALA B 351 29.98 -17.07 3.08
C ALA B 351 29.51 -18.20 2.15
N CYS B 352 30.49 -18.79 1.47
CA CYS B 352 30.25 -19.81 0.44
C CYS B 352 29.62 -21.02 1.02
N ALA B 353 30.15 -21.49 2.14
CA ALA B 353 29.54 -22.55 2.93
C ALA B 353 28.05 -22.25 3.11
N ALA B 354 27.77 -21.13 3.80
CA ALA B 354 26.40 -20.71 4.03
C ALA B 354 25.54 -20.69 2.76
N LEU B 355 26.05 -20.11 1.68
CA LEU B 355 25.29 -19.99 0.45
C LEU B 355 25.05 -21.33 -0.27
N ALA B 356 26.01 -22.28 -0.21
CA ALA B 356 25.82 -23.65 -0.80
C ALA B 356 24.82 -24.51 0.01
N GLN B 357 24.78 -24.24 1.31
CA GLN B 357 23.87 -24.86 2.22
C GLN B 357 22.43 -24.29 2.23
N TRP B 358 22.25 -23.10 1.63
CA TRP B 358 21.00 -22.39 1.72
C TRP B 358 19.95 -23.03 0.82
N ASP B 359 18.76 -23.22 1.38
CA ASP B 359 17.58 -23.67 0.61
C ASP B 359 16.95 -22.68 -0.40
N ARG B 360 17.55 -21.48 -0.58
CA ARG B 360 17.07 -20.42 -1.52
C ARG B 360 15.68 -19.85 -1.11
N GLY B 361 15.36 -20.13 0.16
CA GLY B 361 14.11 -19.74 0.80
C GLY B 361 14.24 -18.65 1.89
N ALA B 362 13.08 -18.04 2.24
CA ALA B 362 12.96 -17.17 3.38
C ALA B 362 12.05 -17.84 4.42
N ASN B 363 12.28 -19.13 4.60
CA ASN B 363 11.55 -19.92 5.59
C ASN B 363 12.04 -19.64 6.98
N LEU B 364 11.25 -20.01 8.00
CA LEU B 364 11.70 -19.88 9.39
C LEU B 364 12.99 -20.65 9.57
N ASP B 365 13.11 -21.79 8.90
CA ASP B 365 14.28 -22.66 9.06
CA ASP B 365 14.27 -22.69 9.04
C ASP B 365 15.41 -22.38 8.03
N SER B 366 15.16 -21.45 7.08
CA SER B 366 16.16 -21.09 6.10
C SER B 366 17.50 -20.67 6.74
N GLY B 367 18.60 -21.20 6.22
CA GLY B 367 19.93 -20.83 6.76
C GLY B 367 20.44 -19.43 6.48
N SER B 368 21.60 -19.12 7.07
CA SER B 368 22.27 -17.81 6.97
C SER B 368 22.64 -17.32 5.57
N GLY B 369 22.56 -18.23 4.61
CA GLY B 369 22.76 -17.91 3.22
C GLY B 369 21.88 -16.77 2.75
N PHE B 370 20.66 -16.67 3.31
CA PHE B 370 19.72 -15.59 2.95
C PHE B 370 20.31 -14.26 3.40
N VAL B 371 20.81 -14.25 4.62
CA VAL B 371 21.50 -13.06 5.12
C VAL B 371 22.71 -12.71 4.28
N TYR B 372 23.54 -13.70 3.92
CA TYR B 372 24.70 -13.39 3.08
C TYR B 372 24.24 -12.97 1.73
N PHE B 373 23.19 -13.61 1.24
CA PHE B 373 22.66 -13.27 -0.10
C PHE B 373 22.10 -11.85 -0.20
N GLN B 374 21.35 -11.47 0.82
CA GLN B 374 20.78 -10.13 0.83
C GLN B 374 21.86 -9.05 0.74
N ARG B 375 22.89 -9.12 1.58
CA ARG B 375 23.88 -8.06 1.57
C ARG B 375 24.73 -8.17 0.32
N PHE B 376 24.94 -9.37 -0.22
CA PHE B 376 25.62 -9.46 -1.49
C PHE B 376 24.84 -8.67 -2.48
N MET B 377 23.55 -8.98 -2.59
CA MET B 377 22.68 -8.35 -3.59
C MET B 377 22.60 -6.79 -3.50
N GLN B 378 22.58 -6.28 -2.27
CA GLN B 378 22.62 -4.82 -2.05
C GLN B 378 23.86 -4.18 -2.68
N ARG B 379 25.03 -4.81 -2.52
CA ARG B 379 26.18 -4.31 -3.26
C ARG B 379 26.16 -4.69 -4.75
N PHE B 380 25.63 -5.86 -5.12
CA PHE B 380 25.61 -6.27 -6.52
C PHE B 380 24.86 -5.25 -7.38
N ALA B 381 23.72 -4.82 -6.87
CA ALA B 381 22.83 -3.87 -7.54
C ALA B 381 23.46 -2.51 -7.83
N GLU B 382 24.50 -2.16 -7.06
CA GLU B 382 25.23 -0.91 -7.28
C GLU B 382 26.40 -1.04 -8.26
N LEU B 383 26.57 -2.18 -8.93
CA LEU B 383 27.66 -2.38 -9.91
C LEU B 383 27.18 -2.12 -11.33
N ASP B 384 28.08 -1.66 -12.21
CA ASP B 384 27.75 -1.42 -13.63
C ASP B 384 28.11 -2.62 -14.54
N GLY B 385 27.21 -2.98 -15.45
CA GLY B 385 27.46 -4.02 -16.46
C GLY B 385 27.94 -5.40 -15.99
N ALA B 386 27.52 -5.85 -14.80
CA ALA B 386 27.85 -7.21 -14.27
C ALA B 386 26.89 -8.38 -14.63
N TRP B 387 25.76 -8.10 -15.28
CA TRP B 387 24.82 -9.13 -15.76
C TRP B 387 25.34 -9.87 -16.97
N LYS B 388 25.31 -11.21 -16.94
CA LYS B 388 25.70 -11.99 -18.11
C LYS B 388 24.80 -11.59 -19.25
N GLU B 389 23.50 -11.80 -19.10
CA GLU B 389 22.54 -11.38 -20.09
C GLU B 389 21.80 -10.21 -19.47
N PRO B 390 22.02 -8.99 -19.99
CA PRO B 390 21.29 -7.80 -19.53
C PRO B 390 19.79 -7.84 -19.84
N PHE B 391 19.03 -6.86 -19.31
CA PHE B 391 17.63 -6.73 -19.65
C PHE B 391 17.42 -6.67 -21.16
N ASP B 392 16.34 -7.26 -21.66
CA ASP B 392 16.15 -7.41 -23.09
C ASP B 392 14.64 -7.30 -23.39
N ALA B 393 14.24 -6.16 -23.95
CA ALA B 393 12.82 -5.87 -24.24
C ALA B 393 12.12 -7.05 -24.90
N GLN B 394 12.93 -7.89 -25.57
CA GLN B 394 12.41 -9.00 -26.35
C GLN B 394 12.31 -10.29 -25.49
N ARG B 395 13.01 -10.34 -24.36
CA ARG B 395 12.92 -11.50 -23.42
C ARG B 395 12.56 -11.05 -21.98
N PRO B 396 11.50 -10.22 -21.85
CA PRO B 396 11.20 -9.55 -20.57
C PRO B 396 11.05 -10.48 -19.37
N LEU B 397 10.84 -11.77 -19.64
CA LEU B 397 10.58 -12.74 -18.60
C LEU B 397 11.82 -13.41 -18.10
N ASP B 398 12.90 -13.45 -18.87
CA ASP B 398 14.11 -14.24 -18.46
C ASP B 398 15.41 -13.43 -18.32
N THR B 399 15.25 -12.11 -18.32
CA THR B 399 16.36 -11.19 -18.25
C THR B 399 16.08 -10.10 -17.22
N PRO B 400 17.12 -9.64 -16.53
CA PRO B 400 18.52 -10.10 -16.56
C PRO B 400 18.76 -11.43 -15.87
N GLN B 401 19.89 -12.06 -16.14
CA GLN B 401 20.19 -13.41 -15.69
C GLN B 401 21.72 -13.61 -15.65
N GLY B 402 22.23 -14.13 -14.55
CA GLY B 402 23.63 -14.53 -14.48
C GLY B 402 24.65 -13.43 -14.24
N ILE B 403 25.81 -13.83 -13.71
CA ILE B 403 26.90 -12.91 -13.48
C ILE B 403 27.90 -13.02 -14.65
N ALA B 404 28.28 -11.89 -15.25
CA ALA B 404 29.31 -11.87 -16.31
C ALA B 404 30.71 -12.19 -15.77
N LEU B 405 30.88 -13.35 -15.16
CA LEU B 405 32.18 -13.80 -14.71
C LEU B 405 33.29 -13.87 -15.81
N ASP B 406 32.90 -14.00 -17.09
CA ASP B 406 33.87 -14.05 -18.19
C ASP B 406 34.68 -12.73 -18.36
N ARG B 407 34.06 -11.58 -18.01
CA ARG B 407 34.72 -10.25 -18.00
C ARG B 407 35.53 -10.01 -16.71
N PRO B 408 36.89 -9.90 -16.82
CA PRO B 408 37.78 -9.99 -15.63
C PRO B 408 37.57 -8.95 -14.48
N GLN B 409 37.14 -7.74 -14.82
CA GLN B 409 36.95 -6.65 -13.85
C GLN B 409 35.63 -6.83 -13.06
N VAL B 410 34.59 -7.29 -13.75
CA VAL B 410 33.36 -7.73 -13.10
C VAL B 410 33.63 -8.87 -12.09
N ALA B 411 34.44 -9.86 -12.48
CA ALA B 411 34.81 -10.93 -11.55
C ALA B 411 35.49 -10.42 -10.28
N THR B 412 36.38 -9.45 -10.43
CA THR B 412 37.03 -8.80 -9.30
C THR B 412 36.01 -8.02 -8.44
N GLN B 413 35.13 -7.27 -9.12
CA GLN B 413 34.10 -6.50 -8.43
C GLN B 413 33.07 -7.40 -7.71
N VAL B 414 32.65 -8.51 -8.35
CA VAL B 414 31.69 -9.44 -7.71
C VAL B 414 32.37 -10.08 -6.52
N ARG B 415 33.65 -10.46 -6.68
CA ARG B 415 34.40 -11.05 -5.57
C ARG B 415 34.51 -10.10 -4.42
N GLN B 416 34.84 -8.83 -4.72
CA GLN B 416 35.07 -7.82 -3.67
C GLN B 416 33.76 -7.61 -2.94
N ALA B 417 32.70 -7.47 -3.73
CA ALA B 417 31.34 -7.35 -3.21
C ALA B 417 30.91 -8.52 -2.33
N LEU B 418 31.32 -9.75 -2.64
CA LEU B 418 30.96 -10.84 -1.74
C LEU B 418 31.79 -10.78 -0.48
N ALA B 419 32.99 -10.18 -0.55
CA ALA B 419 33.87 -10.13 0.64
C ALA B 419 33.36 -9.08 1.60
N ASP B 420 32.95 -7.96 1.03
CA ASP B 420 32.29 -6.89 1.77
C ASP B 420 30.97 -7.42 2.38
N ALA B 421 30.09 -8.01 1.58
CA ALA B 421 28.90 -8.59 2.16
C ALA B 421 29.29 -9.52 3.35
N ALA B 422 30.26 -10.42 3.15
CA ALA B 422 30.61 -11.38 4.22
C ALA B 422 31.06 -10.67 5.51
N ALA B 423 32.03 -9.77 5.37
CA ALA B 423 32.48 -8.89 6.44
C ALA B 423 31.30 -8.23 7.18
N GLU B 424 30.36 -7.59 6.44
CA GLU B 424 29.13 -6.99 7.13
C GLU B 424 28.31 -7.98 7.94
N VAL B 425 28.06 -9.16 7.37
CA VAL B 425 27.32 -10.19 8.08
C VAL B 425 28.11 -10.67 9.30
N GLU B 426 29.37 -11.03 9.06
CA GLU B 426 30.26 -11.57 10.09
C GLU B 426 30.48 -10.53 11.23
N LYS B 427 30.65 -9.25 10.87
CA LYS B 427 30.80 -8.16 11.86
C LYS B 427 29.58 -8.10 12.82
N SER B 428 28.38 -8.28 12.27
CA SER B 428 27.14 -8.21 13.06
C SER B 428 27.06 -9.39 14.04
N GLY B 429 26.18 -9.29 15.02
CA GLY B 429 26.09 -10.32 16.06
C GLY B 429 25.23 -11.54 15.77
N ILE B 430 25.48 -12.22 14.64
CA ILE B 430 24.74 -13.46 14.32
C ILE B 430 25.32 -14.69 15.02
N PRO B 431 24.55 -15.32 15.95
CA PRO B 431 24.99 -16.61 16.51
C PRO B 431 25.21 -17.64 15.41
N ASP B 432 26.29 -18.42 15.48
CA ASP B 432 26.57 -19.47 14.48
C ASP B 432 25.42 -20.48 14.45
N GLY B 433 25.01 -20.90 13.25
CA GLY B 433 23.94 -21.92 13.10
C GLY B 433 22.50 -21.42 13.07
N ALA B 434 22.29 -20.19 13.56
CA ALA B 434 21.02 -19.45 13.60
C ALA B 434 20.24 -19.30 12.27
N ARG B 435 18.91 -19.40 12.35
CA ARG B 435 18.07 -19.38 11.16
C ARG B 435 17.36 -18.04 10.87
N TRP B 436 16.78 -17.92 9.69
CA TRP B 436 16.12 -16.65 9.30
C TRP B 436 15.02 -16.27 10.33
N GLY B 437 14.25 -17.27 10.77
CA GLY B 437 13.23 -17.12 11.83
C GLY B 437 13.72 -16.72 13.22
N ASP B 438 15.00 -16.97 13.50
CA ASP B 438 15.62 -16.51 14.74
C ASP B 438 15.89 -15.01 14.72
N LEU B 439 15.91 -14.42 13.52
CA LEU B 439 16.27 -13.02 13.32
C LEU B 439 15.06 -12.11 13.02
N GLN B 440 14.22 -12.54 12.06
CA GLN B 440 13.06 -11.76 11.65
C GLN B 440 11.83 -12.11 12.50
N VAL B 441 11.37 -11.12 13.26
CA VAL B 441 10.28 -11.37 14.17
C VAL B 441 9.27 -10.18 14.24
N SER B 442 8.14 -10.41 14.90
CA SER B 442 7.19 -9.36 15.21
C SER B 442 6.96 -9.37 16.69
N THR B 443 7.13 -8.21 17.32
CA THR B 443 7.06 -8.12 18.76
C THR B 443 5.57 -8.04 19.20
N ARG B 444 5.18 -8.95 20.11
CA ARG B 444 3.86 -8.93 20.73
C ARG B 444 3.98 -8.78 22.23
N GLY B 445 3.79 -7.57 22.73
CA GLY B 445 4.05 -7.34 24.15
C GLY B 445 5.52 -7.61 24.47
N GLN B 446 5.79 -8.59 25.31
CA GLN B 446 7.17 -8.79 25.72
C GLN B 446 7.73 -10.08 25.09
N GLU B 447 6.91 -10.76 24.27
CA GLU B 447 7.33 -11.92 23.48
C GLU B 447 7.71 -11.47 22.06
N ARG B 448 8.07 -12.45 21.22
CA ARG B 448 8.48 -12.30 19.83
C ARG B 448 7.96 -13.51 19.11
N ILE B 449 7.54 -13.31 17.87
CA ILE B 449 7.08 -14.42 17.05
C ILE B 449 7.85 -14.33 15.74
N ALA B 450 8.48 -15.43 15.39
CA ALA B 450 9.26 -15.55 14.15
C ALA B 450 8.32 -15.46 12.93
N ILE B 451 8.71 -14.68 11.94
CA ILE B 451 7.83 -14.43 10.78
C ILE B 451 8.53 -14.87 9.50
N PRO B 452 7.90 -15.72 8.69
CA PRO B 452 8.53 -16.07 7.41
C PRO B 452 8.27 -15.03 6.30
N GLY B 453 9.16 -15.02 5.32
CA GLY B 453 9.07 -14.15 4.18
C GLY B 453 10.26 -13.25 4.17
N GLY B 454 10.48 -12.57 3.05
CA GLY B 454 11.55 -11.61 2.96
C GLY B 454 11.26 -10.46 2.00
N ASP B 455 12.19 -9.52 1.88
CA ASP B 455 11.92 -8.34 1.07
C ASP B 455 11.50 -8.70 -0.38
N GLY B 456 10.45 -8.04 -0.85
CA GLY B 456 9.95 -8.19 -2.18
C GLY B 456 11.00 -7.88 -3.20
N HIS B 457 12.00 -7.07 -2.82
CA HIS B 457 13.04 -6.69 -3.79
C HIS B 457 13.98 -7.88 -4.11
N PHE B 458 13.97 -8.91 -3.27
CA PHE B 458 14.67 -10.15 -3.58
C PHE B 458 13.80 -11.25 -4.26
N GLY B 459 12.63 -10.90 -4.81
CA GLY B 459 11.75 -11.89 -5.44
C GLY B 459 10.98 -12.81 -4.51
N VAL B 460 10.82 -12.50 -3.22
CA VAL B 460 10.04 -13.37 -2.36
C VAL B 460 8.62 -12.94 -2.52
N TYR B 461 7.79 -13.81 -3.06
CA TYR B 461 6.39 -13.43 -3.26
C TYR B 461 5.72 -12.99 -1.91
N ASN B 462 5.97 -13.76 -0.84
CA ASN B 462 5.63 -13.39 0.54
C ASN B 462 6.60 -12.32 1.01
N ALA B 463 6.31 -11.12 0.53
CA ALA B 463 7.13 -9.96 0.82
C ALA B 463 6.91 -9.45 2.25
N ILE B 464 8.02 -9.28 2.98
CA ILE B 464 8.03 -8.89 4.35
C ILE B 464 9.16 -7.92 4.43
N GLN B 465 8.83 -6.72 4.89
CA GLN B 465 9.81 -5.73 5.05
C GLN B 465 10.01 -5.65 6.56
N SER B 466 11.28 -5.59 6.95
CA SER B 466 11.67 -5.55 8.34
CA SER B 466 11.62 -5.48 8.34
C SER B 466 12.72 -4.45 8.50
N VAL B 467 12.95 -4.01 9.74
CA VAL B 467 14.01 -3.05 10.04
C VAL B 467 14.73 -3.47 11.33
N ARG B 468 16.00 -3.08 11.43
CA ARG B 468 16.81 -3.34 12.64
C ARG B 468 16.26 -2.75 13.90
N LYS B 469 15.98 -3.61 14.88
CA LYS B 469 15.66 -3.16 16.25
C LYS B 469 16.32 -4.06 17.29
N GLY B 470 17.13 -3.46 18.16
CA GLY B 470 17.99 -4.24 19.04
C GLY B 470 18.72 -5.35 18.30
N ASP B 471 18.48 -6.57 18.79
CA ASP B 471 19.11 -7.80 18.31
C ASP B 471 18.34 -8.48 17.15
N HIS B 472 17.24 -7.88 16.68
CA HIS B 472 16.35 -8.59 15.79
C HIS B 472 16.05 -7.76 14.51
N LEU B 473 15.43 -8.34 13.50
CA LEU B 473 14.77 -7.52 12.50
C LEU B 473 13.25 -7.44 12.86
N GLU B 474 12.72 -6.24 13.08
CA GLU B 474 11.31 -6.06 13.47
C GLU B 474 10.47 -5.89 12.18
N VAL B 475 9.50 -6.80 11.95
CA VAL B 475 8.63 -6.70 10.76
C VAL B 475 7.77 -5.39 10.80
N VAL B 476 7.76 -4.61 9.71
CA VAL B 476 6.93 -3.40 9.67
C VAL B 476 5.89 -3.39 8.53
N GLY B 477 6.08 -4.21 7.50
CA GLY B 477 5.09 -4.28 6.47
C GLY B 477 5.28 -5.46 5.56
N GLY B 478 4.27 -5.65 4.70
CA GLY B 478 4.24 -6.68 3.65
C GLY B 478 2.94 -7.48 3.68
N THR B 479 3.03 -8.79 3.42
CA THR B 479 1.88 -9.69 3.52
C THR B 479 1.05 -9.34 4.73
N SER B 480 -0.24 -9.18 4.50
CA SER B 480 -1.07 -8.61 5.52
C SER B 480 -2.38 -9.31 5.52
N TYR B 481 -3.35 -8.82 4.76
CA TYR B 481 -4.60 -9.58 4.65
C TYR B 481 -4.42 -10.56 3.50
N ILE B 482 -4.55 -11.88 3.74
CA ILE B 482 -4.47 -12.87 2.68
C ILE B 482 -5.84 -13.44 2.39
N GLN B 483 -6.26 -13.46 1.15
CA GLN B 483 -7.48 -14.18 0.82
C GLN B 483 -7.31 -14.91 -0.53
N LEU B 484 -7.71 -16.19 -0.53
CA LEU B 484 -7.65 -17.06 -1.66
C LEU B 484 -9.08 -17.56 -1.86
N VAL B 485 -9.67 -17.14 -2.95
CA VAL B 485 -11.08 -17.40 -3.11
C VAL B 485 -11.36 -18.29 -4.31
N THR B 486 -12.19 -19.27 -4.08
CA THR B 486 -12.80 -20.02 -5.22
C THR B 486 -14.32 -20.01 -5.09
N PHE B 487 -14.96 -20.66 -6.04
CA PHE B 487 -16.40 -20.68 -6.16
C PHE B 487 -17.00 -22.12 -6.35
N PRO B 488 -17.05 -22.96 -5.30
CA PRO B 488 -17.91 -24.16 -5.39
C PRO B 488 -19.37 -23.73 -5.45
N GLU B 489 -20.25 -24.62 -5.92
CA GLU B 489 -21.69 -24.25 -6.14
C GLU B 489 -22.45 -23.90 -4.85
N GLU B 490 -21.99 -24.47 -3.74
CA GLU B 490 -22.49 -24.22 -2.40
C GLU B 490 -22.37 -22.73 -2.03
N GLY B 491 -21.24 -22.12 -2.38
CA GLY B 491 -21.00 -20.71 -2.01
C GLY B 491 -19.51 -20.45 -2.01
N PRO B 492 -19.12 -19.18 -2.06
CA PRO B 492 -17.71 -18.81 -2.11
C PRO B 492 -16.90 -19.52 -0.99
N LYS B 493 -15.81 -20.17 -1.37
CA LYS B 493 -14.93 -20.77 -0.42
C LYS B 493 -13.68 -19.90 -0.34
N ALA B 494 -13.43 -19.30 0.83
CA ALA B 494 -12.31 -18.40 0.98
C ALA B 494 -11.40 -18.85 2.12
N ARG B 495 -10.12 -18.72 1.87
CA ARG B 495 -9.17 -19.14 2.84
C ARG B 495 -8.05 -18.07 2.92
N GLY B 496 -7.47 -17.89 4.10
CA GLY B 496 -6.47 -16.91 4.30
C GLY B 496 -6.26 -16.61 5.77
N LEU B 497 -5.87 -15.35 6.05
CA LEU B 497 -5.38 -14.91 7.33
C LEU B 497 -5.17 -13.45 7.28
N LEU B 498 -5.23 -12.81 8.44
CA LEU B 498 -4.69 -11.51 8.62
C LEU B 498 -3.37 -11.65 9.42
N ALA B 499 -2.21 -11.47 8.76
CA ALA B 499 -0.88 -11.77 9.34
C ALA B 499 -0.70 -11.25 10.74
N PHE B 500 -1.02 -9.98 10.94
CA PHE B 500 -0.75 -9.30 12.21
C PHE B 500 -1.91 -9.39 13.22
N SER B 501 -2.99 -10.12 12.86
CA SER B 501 -4.22 -10.24 13.69
C SER B 501 -5.16 -9.02 13.72
N GLN B 502 -6.39 -9.22 14.23
CA GLN B 502 -7.45 -8.23 14.20
C GLN B 502 -7.13 -6.95 14.94
N SER B 503 -6.49 -7.10 16.10
CA SER B 503 -6.34 -6.00 17.00
C SER B 503 -4.87 -5.65 17.25
N SER B 504 -4.56 -4.36 17.16
CA SER B 504 -3.32 -3.75 17.56
C SER B 504 -3.25 -3.55 19.09
N ASP B 505 -4.28 -3.93 19.85
CA ASP B 505 -4.21 -3.67 21.31
C ASP B 505 -3.66 -4.83 22.08
N PRO B 506 -2.55 -4.60 22.87
CA PRO B 506 -1.97 -5.83 23.50
C PRO B 506 -2.93 -6.54 24.47
N ARG B 507 -3.97 -5.87 24.88
CA ARG B 507 -4.83 -6.54 25.83
C ARG B 507 -5.81 -7.50 25.17
N SER B 508 -5.88 -7.48 23.83
CA SER B 508 -6.98 -8.12 23.12
C SER B 508 -6.77 -9.61 22.94
N PRO B 509 -7.86 -10.41 23.01
CA PRO B 509 -7.67 -11.83 22.72
C PRO B 509 -7.23 -12.01 21.28
N HIS B 510 -7.22 -10.94 20.49
CA HIS B 510 -6.95 -11.09 19.03
C HIS B 510 -5.77 -10.24 18.57
N TYR B 511 -4.86 -10.02 19.49
CA TYR B 511 -3.61 -9.31 19.30
C TYR B 511 -2.57 -10.14 18.58
N ARG B 512 -2.63 -11.46 18.71
CA ARG B 512 -1.62 -12.29 18.07
C ARG B 512 -2.05 -13.70 17.69
N ASP B 513 -3.34 -14.03 17.80
CA ASP B 513 -3.80 -15.37 17.46
C ASP B 513 -3.51 -15.73 15.99
N GLN B 514 -3.65 -14.75 15.07
CA GLN B 514 -3.44 -15.07 13.64
C GLN B 514 -1.95 -14.89 13.31
N THR B 515 -1.26 -14.19 14.19
CA THR B 515 0.18 -14.01 13.95
C THR B 515 0.89 -15.31 14.22
N GLU B 516 0.43 -15.97 15.26
CA GLU B 516 0.91 -17.31 15.54
C GLU B 516 0.73 -18.22 14.38
N LEU B 517 -0.39 -18.13 13.68
CA LEU B 517 -0.69 -19.02 12.54
C LEU B 517 0.06 -18.63 11.30
N PHE B 518 0.21 -17.32 11.12
CA PHE B 518 1.01 -16.80 10.03
C PHE B 518 2.45 -17.32 10.16
N SER B 519 2.98 -17.32 11.38
CA SER B 519 4.32 -17.85 11.68
C SER B 519 4.37 -19.28 11.17
N ARG B 520 3.34 -20.06 11.49
CA ARG B 520 3.26 -21.48 11.04
C ARG B 520 2.72 -21.68 9.61
N GLN B 521 2.30 -20.60 8.95
CA GLN B 521 1.78 -20.65 7.56
C GLN B 521 0.53 -21.58 7.45
N GLN B 522 -0.31 -21.48 8.49
CA GLN B 522 -1.58 -22.27 8.59
C GLN B 522 -2.81 -21.43 8.29
N TRP B 523 -3.13 -21.29 7.01
CA TRP B 523 -4.26 -20.45 6.61
C TRP B 523 -5.57 -21.08 7.10
N GLN B 524 -6.62 -20.27 7.18
CA GLN B 524 -7.86 -20.73 7.76
C GLN B 524 -9.04 -20.35 6.92
N THR B 525 -10.17 -21.01 7.17
CA THR B 525 -11.40 -20.69 6.49
C THR B 525 -11.79 -19.26 6.85
N LEU B 526 -12.26 -18.53 5.83
CA LEU B 526 -12.87 -17.22 6.06
C LEU B 526 -14.40 -17.44 5.94
N PRO B 527 -15.12 -17.64 7.06
CA PRO B 527 -16.54 -18.10 6.98
C PRO B 527 -17.46 -17.03 6.41
N PHE B 528 -18.23 -17.34 5.38
CA PHE B 528 -19.07 -16.32 4.74
C PHE B 528 -20.58 -16.65 4.83
N SER B 529 -20.95 -17.92 4.66
CA SER B 529 -22.38 -18.32 4.65
C SER B 529 -22.89 -18.32 6.07
N ASP B 530 -24.20 -18.20 6.26
CA ASP B 530 -24.78 -18.40 7.62
C ASP B 530 -24.43 -19.79 8.19
N ARG B 531 -24.48 -20.83 7.37
CA ARG B 531 -24.05 -22.19 7.77
C ARG B 531 -22.58 -22.25 8.26
N GLN B 532 -21.65 -21.73 7.47
CA GLN B 532 -20.23 -21.69 7.93
C GLN B 532 -20.10 -20.92 9.21
N ILE B 533 -20.81 -19.82 9.33
CA ILE B 533 -20.67 -18.97 10.55
C ILE B 533 -21.22 -19.67 11.80
N ASP B 534 -22.32 -20.38 11.63
CA ASP B 534 -22.98 -21.08 12.72
C ASP B 534 -22.24 -22.36 13.16
N ALA B 535 -21.52 -22.95 12.21
CA ALA B 535 -20.61 -24.05 12.43
C ALA B 535 -19.41 -23.72 13.34
N ASP B 536 -19.12 -22.44 13.55
CA ASP B 536 -17.88 -22.06 14.22
C ASP B 536 -18.12 -22.16 15.70
N PRO B 537 -17.41 -23.08 16.37
CA PRO B 537 -17.57 -23.26 17.84
C PRO B 537 -17.15 -22.03 18.66
N GLN B 538 -16.36 -21.13 18.09
CA GLN B 538 -16.13 -19.87 18.83
C GLN B 538 -17.22 -18.80 18.66
N LEU B 539 -18.32 -19.10 17.98
CA LEU B 539 -19.25 -18.05 17.57
C LEU B 539 -19.77 -17.26 18.75
N GLN B 540 -19.74 -15.93 18.66
CA GLN B 540 -20.42 -15.09 19.65
C GLN B 540 -21.27 -14.02 18.94
N ARG B 541 -22.19 -13.38 19.68
CA ARG B 541 -23.20 -12.56 19.08
C ARG B 541 -23.67 -11.46 20.04
N LEU B 542 -23.68 -10.22 19.58
CA LEU B 542 -24.23 -9.11 20.35
C LEU B 542 -25.09 -8.29 19.41
N SER B 543 -26.26 -7.88 19.87
CA SER B 543 -27.10 -6.93 19.17
C SER B 543 -27.07 -5.64 19.95
N ILE B 544 -26.97 -4.49 19.27
CA ILE B 544 -26.83 -3.18 19.91
C ILE B 544 -27.69 -2.15 19.17
N ARG B 545 -28.20 -1.21 19.93
CA ARG B 545 -28.95 -0.11 19.37
C ARG B 545 -28.83 1.13 20.22
N GLU B 546 -29.09 2.27 19.61
CA GLU B 546 -29.32 3.44 20.43
C GLU B 546 -30.21 4.39 19.67
C1 EDO C . -8.81 20.58 13.44
O1 EDO C . -7.60 20.11 12.85
C2 EDO C . -8.68 20.70 14.93
O2 EDO C . -7.47 21.38 15.33
C1 EDO D . 0.64 6.99 5.76
O1 EDO D . -0.09 5.85 5.29
C2 EDO D . -0.42 8.08 5.88
O2 EDO D . 0.02 9.03 6.86
C1 EDO E . -17.46 9.26 24.22
O1 EDO E . -17.87 8.25 23.23
C2 EDO E . -16.27 8.96 25.13
O2 EDO E . -16.68 8.82 26.50
C1 EDO F . -8.89 11.79 19.08
O1 EDO F . -9.85 10.66 19.14
C2 EDO F . -9.65 13.13 18.88
O2 EDO F . -9.07 14.36 19.39
C1 EDO G . 10.99 12.91 9.12
O1 EDO G . 10.59 12.47 7.81
C2 EDO G . 10.44 14.32 9.32
O2 EDO G . 8.98 14.37 9.27
C1 EDO H . -33.76 -11.54 3.48
O1 EDO H . -34.60 -10.52 4.01
C2 EDO H . -33.93 -11.43 1.96
O2 EDO H . -34.02 -10.00 1.92
C1 EDO I . -24.52 -7.96 -3.57
O1 EDO I . -25.26 -8.83 -2.69
C2 EDO I . -23.06 -8.06 -3.15
O2 EDO I . -22.87 -7.29 -1.94
C1 EDO J . 9.90 28.79 8.33
O1 EDO J . 8.75 29.13 9.13
C2 EDO J . 10.45 27.43 8.77
O2 EDO J . 10.08 27.16 10.13
C1 EDO K . -16.31 14.18 -9.60
O1 EDO K . -16.74 14.12 -8.24
C2 EDO K . -16.90 15.38 -10.34
O2 EDO K . -15.95 16.43 -10.15
C1 EDO L . 13.74 -20.98 14.21
O1 EDO L . 13.55 -22.16 13.38
C2 EDO L . 12.56 -20.02 14.08
O2 EDO L . 11.46 -20.47 14.86
C1 EDO M . 19.33 -24.07 4.71
O1 EDO M . 18.46 -22.99 4.38
C2 EDO M . 18.67 -25.32 4.23
O2 EDO M . 17.53 -25.51 5.10
C1 EDO N . 24.54 -7.30 7.60
O1 EDO N . 23.91 -8.14 8.58
C2 EDO N . 24.07 -5.81 7.62
O2 EDO N . 24.83 -5.05 6.64
C1 EDO O . 24.81 -5.58 -11.96
O1 EDO O . 25.20 -4.98 -13.21
C2 EDO O . 23.35 -5.29 -11.71
O2 EDO O . 23.22 -4.05 -10.98
C1 EDO P . -1.97 0.20 20.67
O1 EDO P . -2.88 0.05 21.84
C2 EDO P . -2.54 1.22 19.68
O2 EDO P . -1.59 2.04 19.02
F4 1OQ Q . -5.31 -2.04 -1.09
C14 1OQ Q . -6.16 -1.07 -0.96
F2 1OQ Q . -6.51 -0.68 -2.17
F3 1OQ Q . -7.22 -1.49 -0.35
C10 1OQ Q . -5.57 0.11 -0.28
N2 1OQ Q . -5.91 1.33 -0.77
C11 1OQ Q . -4.70 -0.06 0.79
C12 1OQ Q . -4.21 1.13 1.35
C13 1OQ Q . -4.56 2.37 0.82
C9 1OQ Q . -5.44 2.46 -0.26
C7 1OQ Q . -5.83 3.77 -0.87
C8 1OQ Q . -5.89 3.66 -2.33
N1 1OQ Q . -5.91 3.56 -3.48
C4 1OQ Q . -7.08 4.39 -0.33
C3 1OQ Q . -8.15 3.60 0.09
C2 1OQ Q . -9.29 4.22 0.61
C5 1OQ Q . -7.15 5.78 -0.29
C6 1OQ Q . -8.28 6.41 0.23
C1 1OQ Q . -9.35 5.61 0.69
F1 1OQ Q . -10.45 6.23 1.17
#